data_4GUP
#
_entry.id   4GUP
#
_cell.length_a   59.154
_cell.length_b   89.777
_cell.length_c   171.338
_cell.angle_alpha   90.00
_cell.angle_beta   90.00
_cell.angle_gamma   90.00
#
_symmetry.space_group_name_H-M   'P 21 21 21'
#
loop_
_entity.id
_entity.type
_entity.pdbx_description
1 polymer 'Major histocompatibility complex class I-related gene protein'
2 polymer Beta-2-microglobulin
3 non-polymer 2-amino-4-oxo-3,4-dihydropteridine-6-carbaldehyde
4 non-polymer 'CHLORIDE ION'
5 non-polymer 'PHOSPHATE ION'
#
loop_
_entity_poly.entity_id
_entity_poly.type
_entity_poly.pdbx_seq_one_letter_code
_entity_poly.pdbx_strand_id
1 'polypeptide(L)'
;MRTHSLRYFRLGVSDPIHGVPEFISVGYVDSHPITTYDSVTRQKEPRAPWMAENLAPDHWERYTQLLRGWQQMFKVELKR
LQRHYNHSGSHTYQRMIGCELLEDGSTTGFLQYAYDGQDFLIFNKDTLSWLAVDNVAHTIKQAWEANQHELLYQKNWLEE
ECIAWLKRFLEYGKDTLQRTEPPLVRVNRKETFPGVTALFCKAHGFYPPEIYMTWMKNGEEIVQEIDYGDILPSGDGTYQ
AWASIELDPQSSNLYSCHVEHSGVHMVLQVP
;
A,C
2 'polypeptide(L)'
;IQRTPKIQVYSRHPAENGKSNFLNCYVSGFHPSDIEVDLLKNGERIEKVEHSDLSFSKDWSFYLLYYTEFTPTEKDEYAC
RVNHVTLSQPKIVKWDRDM
;
B,D
#
# COMPACT_ATOMS: atom_id res chain seq x y z
N THR A 3 -20.52 -12.39 12.10
CA THR A 3 -21.84 -12.72 11.54
C THR A 3 -21.65 -13.67 10.31
N HIS A 4 -20.70 -14.65 10.46
CA HIS A 4 -20.22 -15.65 9.48
C HIS A 4 -21.29 -16.58 8.92
N SER A 5 -21.03 -17.13 7.70
CA SER A 5 -21.95 -18.03 6.97
C SER A 5 -21.26 -19.15 6.14
N LEU A 6 -21.95 -20.30 6.00
CA LEU A 6 -21.51 -21.44 5.17
C LEU A 6 -22.59 -21.72 4.11
N ARG A 7 -22.23 -21.78 2.83
CA ARG A 7 -23.18 -22.01 1.73
C ARG A 7 -22.57 -22.91 0.67
N TYR A 8 -23.39 -23.82 0.10
CA TYR A 8 -23.04 -24.74 -0.99
C TYR A 8 -24.05 -24.63 -2.10
N PHE A 9 -23.61 -24.44 -3.35
CA PHE A 9 -24.61 -24.44 -4.41
C PHE A 9 -24.36 -25.52 -5.44
N ARG A 10 -25.40 -25.76 -6.26
CA ARG A 10 -25.44 -26.69 -7.37
C ARG A 10 -25.98 -25.99 -8.60
N LEU A 11 -25.36 -26.22 -9.76
CA LEU A 11 -25.82 -25.65 -11.01
C LEU A 11 -25.85 -26.77 -12.05
N GLY A 12 -26.91 -26.77 -12.88
CA GLY A 12 -27.10 -27.69 -13.98
C GLY A 12 -27.52 -26.94 -15.24
N VAL A 13 -26.87 -27.22 -16.40
CA VAL A 13 -27.19 -26.57 -17.69
C VAL A 13 -27.44 -27.64 -18.82
N SER A 14 -28.48 -27.44 -19.68
CA SER A 14 -28.88 -28.39 -20.72
C SER A 14 -27.86 -28.57 -21.86
N ASP A 15 -27.80 -27.63 -22.83
CA ASP A 15 -26.91 -27.75 -23.98
C ASP A 15 -25.86 -26.63 -23.95
N PRO A 16 -24.77 -26.75 -23.14
CA PRO A 16 -23.79 -25.66 -23.11
C PRO A 16 -22.76 -25.81 -24.24
N ILE A 17 -22.90 -25.01 -25.32
CA ILE A 17 -22.06 -25.08 -26.52
C ILE A 17 -20.57 -24.65 -26.27
N HIS A 18 -20.25 -24.09 -25.07
CA HIS A 18 -18.87 -23.71 -24.75
C HIS A 18 -18.69 -23.74 -23.29
N GLY A 19 -19.47 -22.85 -22.65
CA GLY A 19 -19.53 -22.61 -21.20
C GLY A 19 -20.22 -23.72 -20.44
N VAL A 20 -19.65 -24.94 -20.59
CA VAL A 20 -20.05 -26.15 -19.89
C VAL A 20 -19.26 -26.10 -18.58
N PRO A 21 -19.25 -27.11 -17.69
CA PRO A 21 -19.90 -28.42 -17.79
C PRO A 21 -21.35 -28.36 -17.31
N GLU A 22 -22.09 -29.46 -17.52
CA GLU A 22 -23.51 -29.52 -17.16
C GLU A 22 -23.75 -29.53 -15.64
N PHE A 23 -22.71 -29.80 -14.80
CA PHE A 23 -22.86 -29.79 -13.34
C PHE A 23 -21.66 -29.14 -12.64
N ILE A 24 -21.94 -28.24 -11.66
CA ILE A 24 -20.91 -27.56 -10.85
C ILE A 24 -21.43 -27.43 -9.44
N SER A 25 -20.58 -27.71 -8.43
CA SER A 25 -20.91 -27.52 -7.03
C SER A 25 -19.73 -26.91 -6.24
N VAL A 26 -19.97 -25.71 -5.69
CA VAL A 26 -18.97 -24.91 -4.99
C VAL A 26 -19.54 -24.50 -3.65
N GLY A 27 -18.67 -24.53 -2.64
CA GLY A 27 -18.93 -24.14 -1.27
C GLY A 27 -18.14 -22.91 -0.85
N TYR A 28 -18.68 -22.14 0.10
CA TYR A 28 -18.09 -20.91 0.61
C TYR A 28 -18.28 -20.70 2.08
N VAL A 29 -17.19 -20.34 2.77
CA VAL A 29 -17.32 -19.85 4.13
C VAL A 29 -17.20 -18.36 3.93
N ASP A 30 -18.32 -17.68 4.07
CA ASP A 30 -18.50 -16.26 3.86
C ASP A 30 -18.26 -15.95 2.38
N SER A 31 -17.14 -15.28 2.07
CA SER A 31 -16.77 -14.89 0.71
C SER A 31 -15.66 -15.82 0.15
N HIS A 32 -15.15 -16.73 0.98
CA HIS A 32 -14.08 -17.63 0.60
C HIS A 32 -14.53 -18.93 -0.03
N PRO A 33 -14.04 -19.24 -1.26
CA PRO A 33 -14.31 -20.56 -1.85
C PRO A 33 -13.57 -21.59 -1.05
N ILE A 34 -14.20 -22.73 -0.81
CA ILE A 34 -13.62 -23.75 0.07
C ILE A 34 -13.49 -25.11 -0.63
N THR A 35 -14.49 -25.50 -1.44
CA THR A 35 -14.55 -26.78 -2.15
C THR A 35 -15.11 -26.58 -3.56
N THR A 36 -14.83 -27.53 -4.47
CA THR A 36 -15.32 -27.56 -5.86
C THR A 36 -15.49 -28.96 -6.39
N TYR A 37 -16.49 -29.10 -7.28
CA TYR A 37 -16.86 -30.32 -7.98
C TYR A 37 -17.51 -29.92 -9.27
N ASP A 38 -17.28 -30.70 -10.32
CA ASP A 38 -17.89 -30.49 -11.63
C ASP A 38 -17.98 -31.80 -12.39
N SER A 39 -18.95 -31.90 -13.31
CA SER A 39 -19.22 -33.08 -14.13
C SER A 39 -17.99 -33.59 -14.94
N VAL A 40 -16.94 -32.75 -15.14
CA VAL A 40 -15.71 -33.10 -15.85
C VAL A 40 -14.74 -33.78 -14.88
N THR A 41 -14.32 -33.07 -13.83
CA THR A 41 -13.41 -33.62 -12.83
C THR A 41 -14.32 -34.20 -11.78
N ARG A 42 -14.70 -35.48 -11.91
CA ARG A 42 -15.66 -36.12 -11.01
C ARG A 42 -15.05 -36.34 -9.61
N GLN A 43 -14.55 -35.24 -8.97
CA GLN A 43 -13.90 -35.21 -7.66
C GLN A 43 -14.17 -33.92 -6.91
N LYS A 44 -14.36 -34.03 -5.57
CA LYS A 44 -14.52 -32.91 -4.63
C LYS A 44 -13.12 -32.51 -4.20
N GLU A 45 -12.81 -31.24 -4.34
CA GLU A 45 -11.48 -30.71 -4.14
C GLU A 45 -11.45 -29.48 -3.26
N PRO A 46 -10.36 -29.21 -2.51
CA PRO A 46 -10.32 -27.97 -1.73
C PRO A 46 -9.93 -26.78 -2.60
N ARG A 47 -10.50 -25.59 -2.29
CA ARG A 47 -10.23 -24.32 -2.98
C ARG A 47 -9.60 -23.29 -2.00
N ALA A 48 -9.11 -23.79 -0.83
CA ALA A 48 -8.41 -23.05 0.23
C ALA A 48 -7.30 -23.93 0.86
N PRO A 49 -6.16 -23.37 1.34
CA PRO A 49 -5.06 -24.26 1.84
C PRO A 49 -5.36 -24.96 3.18
N TRP A 50 -6.05 -24.25 4.08
CA TRP A 50 -6.46 -24.71 5.40
C TRP A 50 -7.54 -25.80 5.32
N MET A 51 -8.00 -26.08 4.09
CA MET A 51 -8.97 -27.11 3.73
C MET A 51 -8.21 -28.34 3.34
N ALA A 52 -7.09 -28.18 2.61
CA ALA A 52 -6.23 -29.29 2.21
C ALA A 52 -5.72 -30.00 3.48
N GLU A 53 -5.10 -29.21 4.41
CA GLU A 53 -4.70 -29.65 5.75
C GLU A 53 -5.95 -29.63 6.61
N ASN A 54 -5.91 -30.21 7.83
CA ASN A 54 -7.07 -30.29 8.74
C ASN A 54 -8.09 -31.36 8.30
N LEU A 55 -8.48 -31.42 7.00
CA LEU A 55 -9.47 -32.40 6.54
C LEU A 55 -8.85 -33.68 5.98
N ALA A 56 -9.15 -34.82 6.66
CA ALA A 56 -8.72 -36.19 6.36
C ALA A 56 -9.19 -36.64 4.98
N PRO A 57 -8.45 -37.53 4.27
CA PRO A 57 -8.90 -37.95 2.91
C PRO A 57 -10.22 -38.70 2.88
N ASP A 58 -10.73 -39.14 4.06
CA ASP A 58 -12.03 -39.81 4.22
C ASP A 58 -13.16 -38.88 3.84
N HIS A 59 -13.04 -37.59 4.19
CA HIS A 59 -14.01 -36.52 3.95
C HIS A 59 -14.24 -36.28 2.47
N TRP A 60 -13.16 -36.22 1.70
CA TRP A 60 -13.18 -35.98 0.26
C TRP A 60 -13.74 -37.16 -0.48
N GLU A 61 -13.31 -38.37 -0.14
CA GLU A 61 -13.77 -39.62 -0.74
C GLU A 61 -15.27 -39.82 -0.53
N ARG A 62 -15.78 -39.58 0.69
CA ARG A 62 -17.20 -39.75 1.04
C ARG A 62 -18.08 -38.78 0.27
N TYR A 63 -17.65 -37.51 0.20
CA TYR A 63 -18.41 -36.45 -0.46
C TYR A 63 -18.21 -36.47 -1.98
N THR A 64 -17.17 -37.14 -2.50
CA THR A 64 -17.01 -37.31 -3.96
C THR A 64 -18.14 -38.29 -4.41
N GLN A 65 -18.25 -39.48 -3.76
CA GLN A 65 -19.28 -40.49 -4.03
C GLN A 65 -20.66 -39.86 -3.98
N LEU A 66 -20.95 -39.09 -2.90
CA LEU A 66 -22.24 -38.47 -2.67
C LEU A 66 -22.66 -37.56 -3.80
N LEU A 67 -21.74 -36.67 -4.19
CA LEU A 67 -21.94 -35.66 -5.23
C LEU A 67 -22.09 -36.27 -6.63
N ARG A 68 -21.37 -37.38 -6.93
CA ARG A 68 -21.43 -38.13 -8.18
C ARG A 68 -22.84 -38.60 -8.45
N GLY A 69 -23.56 -38.85 -7.36
CA GLY A 69 -24.95 -39.29 -7.33
C GLY A 69 -25.86 -38.11 -7.42
N TRP A 70 -25.50 -37.00 -6.75
CA TRP A 70 -26.27 -35.76 -6.79
C TRP A 70 -26.19 -35.14 -8.19
N GLN A 71 -25.14 -35.48 -8.94
CA GLN A 71 -24.92 -35.08 -10.33
C GLN A 71 -26.01 -35.71 -11.19
N GLN A 72 -26.25 -37.03 -11.01
CA GLN A 72 -27.25 -37.80 -11.74
C GLN A 72 -28.69 -37.37 -11.42
N MET A 73 -28.99 -37.08 -10.14
CA MET A 73 -30.30 -36.62 -9.69
C MET A 73 -30.65 -35.29 -10.33
N PHE A 74 -29.67 -34.36 -10.36
CA PHE A 74 -29.80 -33.02 -10.91
C PHE A 74 -30.17 -33.10 -12.39
N LYS A 75 -29.50 -34.01 -13.16
CA LYS A 75 -29.75 -34.20 -14.57
C LYS A 75 -31.19 -34.66 -14.81
N VAL A 76 -31.65 -35.61 -13.99
CA VAL A 76 -32.99 -36.19 -14.02
C VAL A 76 -34.03 -35.09 -13.70
N GLU A 77 -33.91 -34.45 -12.50
CA GLU A 77 -34.78 -33.39 -11.98
C GLU A 77 -35.01 -32.27 -13.00
N LEU A 78 -33.94 -31.86 -13.73
CA LEU A 78 -33.96 -30.82 -14.76
C LEU A 78 -34.66 -31.36 -16.03
N LYS A 79 -34.22 -32.49 -16.62
CA LYS A 79 -34.83 -33.10 -17.82
C LYS A 79 -36.38 -33.10 -17.70
N ARG A 80 -36.87 -33.52 -16.50
CA ARG A 80 -38.26 -33.62 -16.06
C ARG A 80 -38.98 -32.27 -16.14
N LEU A 81 -38.32 -31.19 -15.66
CA LEU A 81 -38.81 -29.80 -15.60
C LEU A 81 -39.15 -29.22 -16.97
N GLN A 82 -38.26 -29.43 -17.97
CA GLN A 82 -38.41 -28.94 -19.33
C GLN A 82 -39.56 -29.63 -20.03
N ARG A 83 -39.87 -30.87 -19.62
CA ARG A 83 -40.95 -31.66 -20.20
C ARG A 83 -42.28 -31.32 -19.59
N HIS A 84 -42.32 -30.84 -18.34
CA HIS A 84 -43.59 -30.45 -17.72
C HIS A 84 -43.98 -29.08 -18.27
N TYR A 85 -42.98 -28.27 -18.65
CA TYR A 85 -43.14 -27.02 -19.40
C TYR A 85 -43.09 -27.48 -20.85
N ASN A 86 -43.00 -26.62 -21.87
CA ASN A 86 -42.79 -27.23 -23.20
C ASN A 86 -41.43 -26.74 -23.69
N HIS A 87 -40.47 -26.72 -22.76
CA HIS A 87 -39.14 -26.19 -22.94
C HIS A 87 -38.21 -27.11 -23.69
N SER A 88 -37.53 -26.48 -24.65
CA SER A 88 -36.53 -27.06 -25.53
C SER A 88 -35.35 -26.10 -25.60
N GLY A 89 -34.16 -26.66 -25.84
CA GLY A 89 -32.90 -25.93 -25.90
C GLY A 89 -32.13 -26.08 -24.60
N SER A 90 -31.37 -25.05 -24.24
CA SER A 90 -30.58 -25.02 -23.00
C SER A 90 -31.32 -24.26 -21.91
N HIS A 91 -31.38 -24.86 -20.70
CA HIS A 91 -32.04 -24.28 -19.53
C HIS A 91 -31.19 -24.53 -18.27
N THR A 92 -31.30 -23.60 -17.30
CA THR A 92 -30.54 -23.55 -16.05
C THR A 92 -31.36 -23.92 -14.81
N TYR A 93 -30.79 -24.80 -13.97
CA TYR A 93 -31.35 -25.26 -12.72
C TYR A 93 -30.30 -25.06 -11.60
N GLN A 94 -30.70 -24.31 -10.54
CA GLN A 94 -29.85 -23.97 -9.40
C GLN A 94 -30.47 -24.33 -8.07
N ARG A 95 -29.60 -24.69 -7.11
CA ARG A 95 -29.96 -25.10 -5.77
C ARG A 95 -29.01 -24.43 -4.76
N MET A 96 -29.51 -24.10 -3.56
CA MET A 96 -28.65 -23.52 -2.54
C MET A 96 -29.09 -23.83 -1.11
N ILE A 97 -28.12 -24.32 -0.28
CA ILE A 97 -28.24 -24.59 1.15
C ILE A 97 -27.20 -23.75 1.85
N GLY A 98 -27.26 -23.78 3.16
CA GLY A 98 -26.36 -23.03 4.01
C GLY A 98 -27.07 -22.29 5.10
N CYS A 99 -26.28 -21.72 6.00
CA CYS A 99 -26.75 -21.01 7.15
C CYS A 99 -25.75 -19.94 7.58
N GLU A 100 -26.11 -19.17 8.63
CA GLU A 100 -25.38 -18.06 9.24
C GLU A 100 -25.27 -18.19 10.74
N LEU A 101 -24.21 -17.61 11.31
CA LEU A 101 -24.02 -17.53 12.76
C LEU A 101 -23.95 -16.06 13.13
N LEU A 102 -25.11 -15.52 13.57
CA LEU A 102 -25.25 -14.11 13.94
C LEU A 102 -24.53 -13.87 15.26
N GLU A 103 -23.82 -12.72 15.34
CA GLU A 103 -22.94 -12.33 16.44
C GLU A 103 -23.57 -12.52 17.83
N ASP A 104 -24.92 -12.43 17.95
CA ASP A 104 -25.64 -12.61 19.21
C ASP A 104 -25.53 -14.06 19.72
N GLY A 105 -25.71 -15.02 18.82
CA GLY A 105 -25.66 -16.45 19.13
C GLY A 105 -26.73 -17.22 18.37
N SER A 106 -27.69 -16.46 17.78
CA SER A 106 -28.80 -16.98 16.99
C SER A 106 -28.32 -17.46 15.62
N THR A 107 -28.95 -18.51 15.14
CA THR A 107 -28.60 -19.14 13.87
C THR A 107 -29.78 -19.13 12.94
N THR A 108 -29.47 -19.01 11.63
CA THR A 108 -30.45 -19.03 10.54
C THR A 108 -30.13 -20.29 9.72
N GLY A 109 -30.64 -20.36 8.47
CA GLY A 109 -30.49 -21.49 7.59
C GLY A 109 -31.54 -21.51 6.50
N PHE A 110 -31.10 -21.69 5.25
CA PHE A 110 -31.99 -21.66 4.09
C PHE A 110 -31.76 -22.83 3.13
N LEU A 111 -32.75 -23.06 2.25
CA LEU A 111 -32.79 -24.08 1.19
C LEU A 111 -33.74 -23.57 0.09
N GLN A 112 -33.15 -23.29 -1.07
CA GLN A 112 -33.84 -22.75 -2.23
C GLN A 112 -33.47 -23.48 -3.52
N TYR A 113 -34.36 -23.38 -4.55
CA TYR A 113 -34.23 -23.89 -5.92
C TYR A 113 -34.74 -22.86 -6.96
N ALA A 114 -34.11 -22.83 -8.16
CA ALA A 114 -34.52 -21.91 -9.23
C ALA A 114 -34.33 -22.54 -10.60
N TYR A 115 -35.34 -22.30 -11.48
CA TYR A 115 -35.34 -22.72 -12.87
C TYR A 115 -35.30 -21.44 -13.73
N ASP A 116 -34.22 -21.27 -14.52
CA ASP A 116 -33.94 -20.11 -15.39
C ASP A 116 -33.78 -18.82 -14.56
N GLY A 117 -33.14 -18.94 -13.40
CA GLY A 117 -32.88 -17.85 -12.46
C GLY A 117 -34.10 -17.26 -11.79
N GLN A 118 -35.22 -18.01 -11.76
CA GLN A 118 -36.50 -17.63 -11.14
C GLN A 118 -36.84 -18.62 -10.04
N ASP A 119 -37.22 -18.10 -8.87
CA ASP A 119 -37.59 -18.85 -7.68
C ASP A 119 -38.61 -19.92 -8.05
N PHE A 120 -38.28 -21.18 -7.73
CA PHE A 120 -39.13 -22.32 -8.06
C PHE A 120 -39.69 -22.98 -6.80
N LEU A 121 -38.78 -23.35 -5.86
CA LEU A 121 -39.11 -24.00 -4.58
C LEU A 121 -38.24 -23.46 -3.43
N ILE A 122 -38.93 -23.14 -2.35
CA ILE A 122 -38.35 -22.57 -1.14
C ILE A 122 -38.75 -23.47 0.02
N PHE A 123 -37.76 -23.90 0.80
CA PHE A 123 -38.00 -24.78 1.93
C PHE A 123 -38.18 -23.99 3.21
N ASN A 124 -39.28 -24.24 3.95
CA ASN A 124 -39.44 -23.68 5.30
C ASN A 124 -39.22 -24.85 6.26
N LYS A 125 -38.05 -24.81 6.96
CA LYS A 125 -37.56 -25.83 7.89
C LYS A 125 -38.35 -25.90 9.19
N ASP A 126 -39.17 -24.89 9.48
CA ASP A 126 -39.94 -24.84 10.73
C ASP A 126 -41.31 -25.51 10.57
N THR A 127 -41.78 -25.68 9.34
CA THR A 127 -43.05 -26.35 9.05
C THR A 127 -42.84 -27.53 8.10
N LEU A 128 -41.55 -27.90 7.79
CA LEU A 128 -41.18 -29.01 6.88
C LEU A 128 -42.03 -28.94 5.61
N SER A 129 -42.14 -27.72 5.06
CA SER A 129 -42.97 -27.47 3.89
C SER A 129 -42.20 -26.77 2.79
N TRP A 130 -42.75 -26.86 1.56
CA TRP A 130 -42.23 -26.23 0.37
C TRP A 130 -43.20 -25.18 -0.14
N LEU A 131 -42.66 -24.01 -0.51
CA LEU A 131 -43.44 -22.92 -1.10
C LEU A 131 -43.22 -23.05 -2.61
N ALA A 132 -44.22 -23.64 -3.29
CA ALA A 132 -44.23 -23.89 -4.74
C ALA A 132 -44.68 -22.67 -5.49
N VAL A 133 -43.94 -22.32 -6.58
CA VAL A 133 -44.18 -21.12 -7.39
C VAL A 133 -45.41 -21.32 -8.38
N ASP A 134 -45.48 -22.45 -9.13
CA ASP A 134 -46.56 -22.72 -10.08
C ASP A 134 -47.13 -24.12 -9.93
N ASN A 135 -47.86 -24.62 -10.93
CA ASN A 135 -48.45 -25.96 -10.84
C ASN A 135 -47.41 -27.08 -10.97
N VAL A 136 -46.33 -26.85 -11.78
CA VAL A 136 -45.21 -27.79 -11.98
C VAL A 136 -44.52 -28.04 -10.62
N ALA A 137 -44.02 -26.96 -9.98
CA ALA A 137 -43.39 -26.99 -8.67
C ALA A 137 -44.25 -27.73 -7.65
N HIS A 138 -45.59 -27.51 -7.65
CA HIS A 138 -46.53 -28.13 -6.73
C HIS A 138 -46.62 -29.63 -6.88
N THR A 139 -46.43 -30.15 -8.11
CA THR A 139 -46.47 -31.59 -8.30
C THR A 139 -45.14 -32.19 -7.80
N ILE A 140 -44.00 -31.49 -8.01
CA ILE A 140 -42.68 -31.93 -7.53
C ILE A 140 -42.67 -31.86 -5.99
N LYS A 141 -43.15 -30.73 -5.43
CA LYS A 141 -43.28 -30.46 -3.97
C LYS A 141 -44.01 -31.60 -3.30
N GLN A 142 -45.18 -32.00 -3.87
CA GLN A 142 -46.02 -33.09 -3.40
C GLN A 142 -45.23 -34.39 -3.28
N ALA A 143 -44.39 -34.76 -4.30
CA ALA A 143 -43.56 -35.98 -4.30
C ALA A 143 -42.50 -35.95 -3.20
N TRP A 144 -42.01 -34.75 -2.87
CA TRP A 144 -41.00 -34.47 -1.87
C TRP A 144 -41.54 -34.54 -0.47
N GLU A 145 -42.74 -33.98 -0.25
CA GLU A 145 -43.37 -33.97 1.06
C GLU A 145 -43.72 -35.39 1.56
N ALA A 146 -43.93 -36.38 0.66
CA ALA A 146 -44.28 -37.76 1.07
C ALA A 146 -43.07 -38.48 1.69
N ASN A 147 -41.85 -38.20 1.19
CA ASN A 147 -40.59 -38.66 1.76
C ASN A 147 -40.25 -37.70 2.96
N GLN A 148 -40.79 -38.06 4.14
CA GLN A 148 -40.60 -37.29 5.37
C GLN A 148 -39.20 -37.33 5.90
N HIS A 149 -38.52 -38.49 5.80
CA HIS A 149 -37.17 -38.65 6.38
C HIS A 149 -36.16 -37.74 5.67
N GLU A 150 -36.38 -37.48 4.36
CA GLU A 150 -35.56 -36.54 3.61
C GLU A 150 -35.76 -35.14 4.19
N LEU A 151 -37.03 -34.69 4.33
CA LEU A 151 -37.35 -33.37 4.89
C LEU A 151 -36.73 -33.22 6.29
N LEU A 152 -36.72 -34.30 7.10
CA LEU A 152 -36.09 -34.28 8.43
C LEU A 152 -34.56 -34.23 8.31
N TYR A 153 -33.96 -34.99 7.36
CA TYR A 153 -32.52 -35.00 7.06
C TYR A 153 -32.08 -33.59 6.71
N GLN A 154 -32.85 -32.92 5.85
CA GLN A 154 -32.58 -31.56 5.45
C GLN A 154 -32.70 -30.62 6.66
N LYS A 155 -33.86 -30.62 7.36
CA LYS A 155 -34.10 -29.80 8.56
C LYS A 155 -32.92 -29.91 9.55
N ASN A 156 -32.57 -31.15 9.96
CA ASN A 156 -31.48 -31.50 10.88
C ASN A 156 -30.11 -31.04 10.33
N TRP A 157 -29.82 -31.15 8.99
CA TRP A 157 -28.53 -30.73 8.41
C TRP A 157 -28.34 -29.26 8.69
N LEU A 158 -29.35 -28.42 8.43
CA LEU A 158 -29.32 -26.97 8.67
C LEU A 158 -29.26 -26.65 10.18
N GLU A 159 -30.23 -27.17 10.93
CA GLU A 159 -30.41 -27.00 12.37
C GLU A 159 -29.21 -27.46 13.22
N GLU A 160 -28.48 -28.54 12.80
CA GLU A 160 -27.34 -29.09 13.53
C GLU A 160 -26.11 -29.10 12.66
N GLU A 161 -25.82 -30.20 11.90
CA GLU A 161 -24.66 -30.42 11.04
C GLU A 161 -24.03 -29.16 10.38
N CYS A 162 -24.84 -28.24 9.80
CA CYS A 162 -24.32 -27.06 9.11
C CYS A 162 -23.58 -26.08 10.01
N ILE A 163 -24.13 -25.68 11.16
CA ILE A 163 -23.49 -24.72 12.05
C ILE A 163 -22.26 -25.38 12.71
N ALA A 164 -22.31 -26.70 12.97
CA ALA A 164 -21.20 -27.46 13.54
C ALA A 164 -20.00 -27.40 12.60
N TRP A 165 -20.23 -27.66 11.30
CA TRP A 165 -19.24 -27.65 10.21
C TRP A 165 -18.64 -26.27 10.01
N LEU A 166 -19.47 -25.22 10.07
CA LEU A 166 -19.06 -23.84 9.93
C LEU A 166 -18.08 -23.50 11.05
N LYS A 167 -18.38 -23.89 12.29
CA LYS A 167 -17.56 -23.68 13.48
C LYS A 167 -16.19 -24.33 13.33
N ARG A 168 -16.12 -25.53 12.71
CA ARG A 168 -14.88 -26.25 12.45
C ARG A 168 -14.03 -25.51 11.41
N PHE A 169 -14.66 -25.09 10.29
CA PHE A 169 -14.06 -24.33 9.21
C PHE A 169 -13.53 -22.98 9.73
N LEU A 170 -14.24 -22.35 10.66
CA LEU A 170 -13.81 -21.10 11.27
C LEU A 170 -12.62 -21.30 12.22
N GLU A 171 -12.40 -22.53 12.77
CA GLU A 171 -11.23 -22.72 13.60
C GLU A 171 -10.02 -23.10 12.75
N TYR A 172 -10.20 -23.11 11.42
CA TYR A 172 -9.13 -23.25 10.45
C TYR A 172 -8.97 -21.85 9.76
N GLY A 173 -9.37 -20.80 10.50
CA GLY A 173 -9.36 -19.40 10.10
C GLY A 173 -8.46 -18.47 10.88
N LYS A 174 -7.51 -17.87 10.14
CA LYS A 174 -6.48 -16.89 10.48
C LYS A 174 -6.63 -15.74 9.46
N ASP A 175 -7.80 -15.73 8.79
CA ASP A 175 -8.31 -14.81 7.77
C ASP A 175 -9.80 -14.78 7.85
N THR A 176 -10.43 -15.96 7.96
CA THR A 176 -11.89 -16.04 8.06
C THR A 176 -12.31 -15.42 9.41
N LEU A 177 -11.74 -15.91 10.54
CA LEU A 177 -12.04 -15.45 11.92
C LEU A 177 -11.53 -14.04 12.15
N GLN A 178 -10.36 -13.74 11.54
CA GLN A 178 -9.71 -12.44 11.56
C GLN A 178 -10.63 -11.46 10.79
N ARG A 179 -11.26 -10.50 11.47
CA ARG A 179 -12.15 -9.52 10.82
C ARG A 179 -11.52 -8.09 10.97
N THR A 180 -10.18 -8.06 10.92
CA THR A 180 -9.42 -6.85 11.09
C THR A 180 -8.27 -6.78 10.11
N GLU A 181 -8.47 -5.99 9.09
CA GLU A 181 -7.55 -5.60 8.04
C GLU A 181 -8.04 -4.22 7.67
N PRO A 182 -7.39 -3.17 8.23
CA PRO A 182 -7.91 -1.80 8.09
C PRO A 182 -7.80 -1.21 6.69
N PRO A 183 -8.76 -0.33 6.29
CA PRO A 183 -8.68 0.31 4.98
C PRO A 183 -7.60 1.39 4.88
N LEU A 184 -7.09 1.60 3.64
CA LEU A 184 -6.08 2.61 3.37
C LEU A 184 -6.69 3.66 2.44
N VAL A 185 -7.22 4.73 3.09
CA VAL A 185 -7.98 5.79 2.44
C VAL A 185 -7.05 6.94 2.05
N ARG A 186 -7.26 7.41 0.82
CA ARG A 186 -6.55 8.47 0.10
C ARG A 186 -7.54 9.27 -0.71
N VAL A 187 -7.37 10.59 -0.80
CA VAL A 187 -8.27 11.42 -1.59
C VAL A 187 -7.50 12.13 -2.71
N ASN A 188 -7.93 11.95 -3.97
CA ASN A 188 -7.25 12.56 -5.14
C ASN A 188 -8.25 13.20 -6.14
N ARG A 189 -8.00 14.47 -6.50
CA ARG A 189 -8.77 15.29 -7.44
C ARG A 189 -8.66 14.74 -8.89
N LYS A 190 -9.81 14.45 -9.50
CA LYS A 190 -9.88 13.93 -10.86
C LYS A 190 -10.56 14.97 -11.78
N GLU A 191 -10.44 14.82 -13.10
CA GLU A 191 -11.12 15.74 -14.00
C GLU A 191 -12.25 14.98 -14.72
N THR A 192 -13.42 14.78 -14.06
CA THR A 192 -14.57 13.99 -14.59
C THR A 192 -15.13 14.46 -15.89
N PHE A 193 -15.08 15.76 -16.12
CA PHE A 193 -15.59 16.34 -17.35
C PHE A 193 -14.79 17.59 -17.62
N PRO A 194 -14.49 17.98 -18.88
CA PRO A 194 -13.68 19.20 -19.05
C PRO A 194 -14.59 20.46 -19.00
N GLY A 195 -14.30 21.46 -18.17
CA GLY A 195 -13.20 21.52 -17.22
C GLY A 195 -13.74 21.48 -15.81
N VAL A 196 -14.41 20.36 -15.47
CA VAL A 196 -14.99 20.06 -14.15
C VAL A 196 -14.03 19.16 -13.38
N THR A 197 -13.78 19.48 -12.11
CA THR A 197 -12.96 18.62 -11.24
C THR A 197 -13.87 17.97 -10.18
N ALA A 198 -13.54 16.71 -9.83
CA ALA A 198 -14.27 15.92 -8.84
C ALA A 198 -13.32 15.35 -7.79
N LEU A 199 -13.75 15.34 -6.52
CA LEU A 199 -12.92 14.79 -5.45
C LEU A 199 -13.21 13.32 -5.30
N PHE A 200 -12.16 12.52 -5.29
CA PHE A 200 -12.30 11.07 -5.21
C PHE A 200 -11.71 10.52 -3.95
N CYS A 201 -12.54 9.84 -3.15
CA CYS A 201 -12.09 9.15 -1.97
C CYS A 201 -11.90 7.74 -2.33
N LYS A 202 -10.70 7.22 -2.14
CA LYS A 202 -10.42 5.85 -2.50
C LYS A 202 -9.91 5.07 -1.30
N ALA A 203 -10.63 4.02 -0.92
CA ALA A 203 -10.24 3.13 0.16
C ALA A 203 -9.91 1.76 -0.40
N HIS A 204 -8.77 1.15 0.03
CA HIS A 204 -8.33 -0.18 -0.44
C HIS A 204 -7.69 -1.00 0.68
N GLY A 205 -7.46 -2.27 0.38
CA GLY A 205 -6.79 -3.22 1.26
C GLY A 205 -7.46 -3.60 2.57
N PHE A 206 -8.78 -3.45 2.66
CA PHE A 206 -9.49 -3.77 3.89
C PHE A 206 -10.11 -5.16 3.85
N TYR A 207 -10.42 -5.69 5.06
CA TYR A 207 -11.09 -6.95 5.32
C TYR A 207 -11.77 -6.94 6.70
N PRO A 208 -13.03 -7.42 6.85
CA PRO A 208 -13.96 -8.01 5.85
C PRO A 208 -14.51 -6.96 4.87
N PRO A 209 -15.20 -7.39 3.79
CA PRO A 209 -15.68 -6.41 2.78
C PRO A 209 -16.78 -5.45 3.23
N GLU A 210 -17.33 -5.56 4.46
CA GLU A 210 -18.36 -4.61 4.86
C GLU A 210 -17.69 -3.27 5.31
N ILE A 211 -17.99 -2.17 4.57
CA ILE A 211 -17.48 -0.83 4.82
C ILE A 211 -18.55 0.21 4.47
N TYR A 212 -18.33 1.47 4.92
CA TYR A 212 -19.19 2.62 4.66
C TYR A 212 -18.37 3.86 4.49
N MET A 213 -18.54 4.55 3.35
CA MET A 213 -17.85 5.82 3.10
C MET A 213 -18.80 6.84 2.44
N THR A 214 -18.61 8.14 2.81
CA THR A 214 -19.41 9.29 2.35
C THR A 214 -18.61 10.59 2.26
N TRP A 215 -19.12 11.56 1.46
CA TRP A 215 -18.55 12.91 1.31
C TRP A 215 -19.45 13.91 2.02
N MET A 216 -18.88 14.96 2.65
CA MET A 216 -19.71 15.92 3.37
C MET A 216 -19.28 17.39 3.13
N LYS A 217 -20.21 18.20 2.54
CA LYS A 217 -20.02 19.63 2.32
C LYS A 217 -20.37 20.37 3.60
N ASN A 218 -19.39 21.01 4.26
CA ASN A 218 -19.50 21.79 5.50
C ASN A 218 -20.23 21.04 6.64
N GLY A 219 -20.03 19.72 6.69
CA GLY A 219 -20.63 18.86 7.70
C GLY A 219 -21.91 18.21 7.24
N GLU A 220 -22.61 18.83 6.27
CA GLU A 220 -23.85 18.30 5.72
C GLU A 220 -23.53 17.23 4.72
N GLU A 221 -24.15 16.05 4.86
CA GLU A 221 -24.00 14.98 3.89
C GLU A 221 -25.04 15.21 2.78
N ILE A 222 -24.60 15.21 1.51
CA ILE A 222 -25.51 15.47 0.39
C ILE A 222 -25.48 14.30 -0.60
N VAL A 223 -26.28 13.24 -0.29
CA VAL A 223 -26.49 11.97 -1.03
C VAL A 223 -26.78 12.16 -2.54
N GLN A 224 -27.48 13.23 -2.92
CA GLN A 224 -27.86 13.54 -4.30
C GLN A 224 -26.69 14.14 -5.14
N GLU A 225 -25.63 14.64 -4.48
CA GLU A 225 -24.45 15.19 -5.16
C GLU A 225 -23.31 14.13 -5.18
N ILE A 226 -23.40 13.07 -4.32
CA ILE A 226 -22.44 11.97 -4.18
C ILE A 226 -22.75 10.83 -5.16
N ASP A 227 -21.70 10.30 -5.79
CA ASP A 227 -21.75 9.13 -6.66
C ASP A 227 -20.89 8.05 -6.02
N TYR A 228 -21.53 6.99 -5.48
CA TYR A 228 -20.84 5.89 -4.79
C TYR A 228 -20.44 4.77 -5.73
N GLY A 229 -19.31 4.18 -5.39
CA GLY A 229 -18.77 3.02 -6.09
C GLY A 229 -19.04 1.76 -5.29
N ASP A 230 -19.06 0.61 -5.98
CA ASP A 230 -19.32 -0.70 -5.34
C ASP A 230 -18.12 -1.18 -4.52
N ILE A 231 -18.34 -2.13 -3.59
CA ILE A 231 -17.25 -2.79 -2.89
C ILE A 231 -16.79 -3.88 -3.86
N LEU A 232 -15.50 -3.89 -4.19
CA LEU A 232 -14.94 -4.81 -5.17
C LEU A 232 -13.88 -5.72 -4.64
N PRO A 233 -13.79 -6.94 -5.19
CA PRO A 233 -12.67 -7.82 -4.84
C PRO A 233 -11.36 -7.34 -5.49
N SER A 234 -10.23 -7.50 -4.79
CA SER A 234 -8.93 -7.10 -5.35
C SER A 234 -8.21 -8.32 -5.93
N GLY A 235 -8.43 -9.49 -5.32
CA GLY A 235 -7.81 -10.75 -5.67
C GLY A 235 -6.89 -11.26 -4.58
N ASP A 236 -6.17 -10.33 -3.90
CA ASP A 236 -5.25 -10.65 -2.80
C ASP A 236 -5.98 -11.00 -1.47
N GLY A 237 -7.32 -11.02 -1.51
CA GLY A 237 -8.17 -11.34 -0.37
C GLY A 237 -8.67 -10.12 0.39
N THR A 238 -8.31 -8.93 -0.09
CA THR A 238 -8.73 -7.67 0.49
C THR A 238 -9.63 -7.02 -0.53
N TYR A 239 -10.34 -5.95 -0.15
CA TYR A 239 -11.28 -5.28 -1.06
C TYR A 239 -10.94 -3.80 -1.26
N GLN A 240 -11.61 -3.16 -2.24
CA GLN A 240 -11.48 -1.74 -2.54
C GLN A 240 -12.88 -1.14 -2.79
N ALA A 241 -13.04 0.17 -2.55
CA ALA A 241 -14.26 0.95 -2.80
C ALA A 241 -13.91 2.46 -2.94
N TRP A 242 -14.86 3.26 -3.46
CA TRP A 242 -14.71 4.70 -3.63
C TRP A 242 -16.06 5.46 -3.55
N ALA A 243 -15.98 6.77 -3.37
CA ALA A 243 -17.12 7.68 -3.40
C ALA A 243 -16.62 9.01 -4.00
N SER A 244 -17.43 9.66 -4.83
CA SER A 244 -16.96 10.90 -5.44
C SER A 244 -17.97 12.03 -5.27
N ILE A 245 -17.49 13.27 -5.42
CA ILE A 245 -18.26 14.50 -5.29
C ILE A 245 -17.85 15.52 -6.40
N GLU A 246 -18.83 16.26 -6.92
CA GLU A 246 -18.61 17.26 -7.95
C GLU A 246 -18.23 18.57 -7.27
N LEU A 247 -16.98 19.01 -7.48
CA LEU A 247 -16.46 20.26 -6.92
C LEU A 247 -16.99 21.49 -7.68
N ASP A 248 -17.65 22.41 -6.95
CA ASP A 248 -18.25 23.65 -7.45
C ASP A 248 -17.19 24.77 -7.57
N PRO A 249 -17.41 25.83 -8.43
CA PRO A 249 -16.38 26.89 -8.61
C PRO A 249 -15.84 27.52 -7.34
N LEU A 254 -15.82 23.92 2.06
CA LEU A 254 -15.07 22.96 2.88
C LEU A 254 -15.62 21.49 2.79
N TYR A 255 -14.90 20.59 2.05
CA TYR A 255 -15.31 19.19 1.87
C TYR A 255 -14.40 18.22 2.64
N SER A 256 -15.05 17.17 3.23
CA SER A 256 -14.41 16.12 4.00
C SER A 256 -14.98 14.74 3.66
N CYS A 257 -14.14 13.73 3.81
CA CYS A 257 -14.45 12.34 3.53
C CYS A 257 -14.56 11.55 4.82
N HIS A 258 -15.61 10.72 4.94
CA HIS A 258 -15.87 9.90 6.14
C HIS A 258 -15.86 8.40 5.83
N VAL A 259 -15.23 7.58 6.71
CA VAL A 259 -15.14 6.11 6.53
C VAL A 259 -15.32 5.36 7.89
N GLU A 260 -16.17 4.32 7.93
CA GLU A 260 -16.34 3.43 9.11
C GLU A 260 -16.00 2.01 8.64
N HIS A 261 -15.26 1.24 9.46
CA HIS A 261 -14.85 -0.15 9.18
C HIS A 261 -14.36 -0.87 10.44
N SER A 262 -15.10 -1.93 10.87
CA SER A 262 -14.81 -2.76 12.05
C SER A 262 -14.48 -1.85 13.24
N GLY A 263 -15.47 -1.08 13.67
CA GLY A 263 -15.37 -0.15 14.79
C GLY A 263 -14.50 1.09 14.63
N VAL A 264 -13.61 1.09 13.61
CA VAL A 264 -12.69 2.18 13.33
C VAL A 264 -13.40 3.29 12.53
N HIS A 265 -13.26 4.55 12.99
CA HIS A 265 -13.88 5.71 12.38
C HIS A 265 -12.83 6.72 11.94
N MET A 266 -12.84 7.14 10.66
CA MET A 266 -11.87 8.11 10.16
C MET A 266 -12.44 9.18 9.22
N VAL A 267 -12.00 10.43 9.44
CA VAL A 267 -12.40 11.60 8.66
C VAL A 267 -11.16 12.22 8.00
N LEU A 268 -11.19 12.38 6.66
CA LEU A 268 -10.12 12.98 5.84
C LEU A 268 -10.58 14.33 5.26
N GLN A 269 -9.73 15.35 5.32
CA GLN A 269 -10.07 16.69 4.86
C GLN A 269 -9.16 17.15 3.75
N VAL A 270 -9.77 17.63 2.67
CA VAL A 270 -9.12 18.15 1.46
C VAL A 270 -8.40 19.49 1.73
N PRO A 271 -7.16 19.71 1.22
CA PRO A 271 -6.48 20.99 1.45
C PRO A 271 -7.20 22.16 0.78
N ILE B 1 -36.27 -14.61 -18.49
CA ILE B 1 -35.65 -13.61 -17.61
C ILE B 1 -34.16 -13.64 -17.79
N GLN B 2 -33.63 -12.74 -18.66
CA GLN B 2 -32.20 -12.59 -18.97
C GLN B 2 -31.68 -11.22 -18.52
N ARG B 3 -30.50 -11.18 -17.90
CA ARG B 3 -29.93 -9.95 -17.39
C ARG B 3 -28.60 -9.59 -18.08
N THR B 4 -28.44 -8.30 -18.49
CA THR B 4 -27.20 -7.79 -19.10
C THR B 4 -26.20 -7.62 -17.94
N PRO B 5 -24.93 -8.06 -18.12
CA PRO B 5 -23.97 -7.95 -17.01
C PRO B 5 -23.52 -6.52 -16.74
N LYS B 6 -22.94 -6.31 -15.54
CA LYS B 6 -22.36 -5.04 -15.12
C LYS B 6 -20.84 -5.19 -15.15
N ILE B 7 -20.20 -4.57 -16.16
CA ILE B 7 -18.75 -4.67 -16.38
C ILE B 7 -18.00 -3.52 -15.64
N GLN B 8 -16.94 -3.87 -14.85
CA GLN B 8 -16.12 -2.90 -14.08
C GLN B 8 -14.64 -3.23 -14.19
N VAL B 9 -13.84 -2.32 -14.78
CA VAL B 9 -12.39 -2.48 -15.01
C VAL B 9 -11.61 -1.61 -14.05
N TYR B 10 -10.61 -2.20 -13.37
CA TYR B 10 -9.80 -1.52 -12.35
C TYR B 10 -8.50 -2.28 -12.07
N SER B 11 -7.60 -1.71 -11.24
CA SER B 11 -6.33 -2.31 -10.85
C SER B 11 -6.37 -2.75 -9.37
N ARG B 12 -5.73 -3.91 -9.08
CA ARG B 12 -5.63 -4.53 -7.75
C ARG B 12 -5.05 -3.55 -6.72
N HIS B 13 -3.93 -2.92 -7.07
CA HIS B 13 -3.27 -1.91 -6.25
C HIS B 13 -3.42 -0.57 -6.96
N PRO B 14 -3.32 0.59 -6.24
CA PRO B 14 -3.38 1.90 -6.93
C PRO B 14 -2.25 2.03 -7.98
N ALA B 15 -2.61 2.50 -9.20
CA ALA B 15 -1.77 2.66 -10.39
C ALA B 15 -0.41 3.40 -10.18
N GLU B 16 0.72 2.80 -10.64
CA GLU B 16 2.07 3.41 -10.59
C GLU B 16 2.88 2.91 -11.79
N ASN B 17 3.29 3.84 -12.66
CA ASN B 17 4.02 3.55 -13.90
C ASN B 17 5.39 2.91 -13.65
N GLY B 18 5.58 1.71 -14.20
CA GLY B 18 6.83 0.97 -14.05
C GLY B 18 6.80 -0.13 -13.00
N LYS B 19 5.87 -0.05 -12.05
CA LYS B 19 5.70 -1.06 -11.00
C LYS B 19 4.68 -2.09 -11.45
N SER B 20 4.84 -3.36 -11.02
CA SER B 20 3.90 -4.44 -11.39
C SER B 20 2.58 -4.32 -10.63
N ASN B 21 1.52 -4.83 -11.26
CA ASN B 21 0.15 -4.80 -10.74
C ASN B 21 -0.66 -5.94 -11.33
N PHE B 22 -2.00 -5.82 -11.31
CA PHE B 22 -2.98 -6.75 -11.85
C PHE B 22 -4.18 -5.95 -12.36
N LEU B 23 -4.65 -6.24 -13.60
CA LEU B 23 -5.80 -5.57 -14.22
C LEU B 23 -7.00 -6.49 -14.04
N ASN B 24 -7.98 -6.04 -13.25
CA ASN B 24 -9.18 -6.83 -12.94
C ASN B 24 -10.38 -6.41 -13.78
N CYS B 25 -11.21 -7.39 -14.16
CA CYS B 25 -12.45 -7.16 -14.90
C CYS B 25 -13.53 -7.97 -14.23
N TYR B 26 -14.33 -7.28 -13.41
CA TYR B 26 -15.34 -7.89 -12.57
C TYR B 26 -16.73 -7.84 -13.24
N VAL B 27 -17.13 -8.99 -13.81
CA VAL B 27 -18.42 -9.13 -14.47
C VAL B 27 -19.43 -9.69 -13.45
N SER B 28 -20.57 -9.00 -13.28
CA SER B 28 -21.56 -9.39 -12.28
C SER B 28 -23.01 -9.14 -12.69
N GLY B 29 -23.92 -9.86 -12.01
CA GLY B 29 -25.36 -9.71 -12.14
C GLY B 29 -25.94 -9.91 -13.51
N PHE B 30 -25.71 -11.10 -14.07
CA PHE B 30 -26.17 -11.48 -15.40
C PHE B 30 -26.79 -12.86 -15.36
N HIS B 31 -27.62 -13.16 -16.38
CA HIS B 31 -28.26 -14.47 -16.57
C HIS B 31 -28.60 -14.68 -18.05
N PRO B 32 -28.27 -15.84 -18.67
CA PRO B 32 -27.65 -17.06 -18.10
C PRO B 32 -26.13 -16.98 -17.85
N SER B 33 -25.52 -18.14 -17.56
CA SER B 33 -24.12 -18.32 -17.18
C SER B 33 -23.08 -18.19 -18.30
N ASP B 34 -23.46 -18.35 -19.59
CA ASP B 34 -22.50 -18.27 -20.72
C ASP B 34 -22.07 -16.81 -20.99
N ILE B 35 -20.80 -16.49 -20.67
CA ILE B 35 -20.22 -15.16 -20.84
C ILE B 35 -18.78 -15.27 -21.40
N GLU B 36 -18.52 -14.53 -22.48
CA GLU B 36 -17.18 -14.49 -23.05
C GLU B 36 -16.52 -13.20 -22.57
N VAL B 37 -15.35 -13.31 -21.88
CA VAL B 37 -14.64 -12.16 -21.35
C VAL B 37 -13.15 -12.20 -21.78
N ASP B 38 -12.68 -11.07 -22.37
CA ASP B 38 -11.31 -10.87 -22.87
C ASP B 38 -10.75 -9.55 -22.39
N LEU B 39 -9.48 -9.57 -21.99
CA LEU B 39 -8.76 -8.38 -21.54
C LEU B 39 -7.95 -7.84 -22.71
N LEU B 40 -7.91 -6.51 -22.91
CA LEU B 40 -7.21 -5.93 -24.07
C LEU B 40 -6.10 -4.92 -23.72
N LYS B 41 -5.10 -4.82 -24.61
CA LYS B 41 -3.94 -3.95 -24.54
C LYS B 41 -3.67 -3.37 -25.94
N ASN B 42 -3.95 -2.06 -26.10
CA ASN B 42 -3.80 -1.29 -27.35
C ASN B 42 -4.50 -2.01 -28.53
N GLY B 43 -5.75 -2.39 -28.32
CA GLY B 43 -6.58 -3.11 -29.28
C GLY B 43 -6.43 -4.61 -29.20
N GLU B 44 -5.17 -5.09 -29.11
CA GLU B 44 -4.77 -6.50 -29.05
C GLU B 44 -5.29 -7.22 -27.79
N ARG B 45 -5.56 -8.53 -27.91
CA ARG B 45 -6.07 -9.40 -26.85
C ARG B 45 -4.93 -9.98 -26.02
N ILE B 46 -5.11 -9.97 -24.68
CA ILE B 46 -4.12 -10.51 -23.74
C ILE B 46 -4.32 -12.03 -23.69
N GLU B 47 -3.24 -12.79 -24.05
CA GLU B 47 -3.24 -14.26 -24.15
C GLU B 47 -3.42 -14.91 -22.77
N LYS B 48 -2.54 -14.60 -21.80
CA LYS B 48 -2.62 -15.19 -20.47
C LYS B 48 -3.59 -14.40 -19.58
N VAL B 49 -4.79 -14.96 -19.37
CA VAL B 49 -5.82 -14.34 -18.52
C VAL B 49 -6.36 -15.37 -17.54
N GLU B 50 -6.21 -15.14 -16.22
CA GLU B 50 -6.74 -16.06 -15.22
C GLU B 50 -8.11 -15.58 -14.74
N HIS B 51 -8.97 -16.51 -14.27
CA HIS B 51 -10.31 -16.10 -13.79
C HIS B 51 -10.69 -16.81 -12.49
N SER B 52 -11.58 -16.15 -11.73
CA SER B 52 -12.07 -16.62 -10.43
C SER B 52 -13.11 -17.73 -10.53
N ASP B 53 -13.42 -18.27 -9.35
CA ASP B 53 -14.41 -19.30 -9.11
C ASP B 53 -15.79 -18.68 -9.36
N LEU B 54 -16.53 -19.19 -10.37
CA LEU B 54 -17.87 -18.69 -10.65
C LEU B 54 -18.75 -18.89 -9.41
N SER B 55 -19.50 -17.85 -9.04
CA SER B 55 -20.46 -17.90 -7.94
C SER B 55 -21.76 -17.25 -8.35
N PHE B 56 -22.86 -17.55 -7.64
CA PHE B 56 -24.12 -16.88 -7.92
C PHE B 56 -24.66 -16.28 -6.66
N SER B 57 -25.17 -15.05 -6.79
CA SER B 57 -25.78 -14.26 -5.73
C SER B 57 -27.12 -14.90 -5.31
N LYS B 58 -27.84 -14.31 -4.33
CA LYS B 58 -29.12 -14.87 -3.88
C LYS B 58 -30.22 -14.64 -4.95
N ASP B 59 -30.00 -13.71 -5.90
CA ASP B 59 -30.92 -13.43 -7.00
C ASP B 59 -30.63 -14.34 -8.21
N TRP B 60 -29.82 -15.39 -7.96
CA TRP B 60 -29.39 -16.44 -8.87
C TRP B 60 -28.54 -15.88 -10.03
N SER B 61 -28.15 -14.58 -9.96
CA SER B 61 -27.35 -13.87 -10.97
C SER B 61 -25.86 -13.94 -10.69
N PHE B 62 -25.14 -14.72 -11.52
CA PHE B 62 -23.71 -15.03 -11.45
C PHE B 62 -22.78 -13.82 -11.51
N TYR B 63 -21.55 -14.01 -10.98
CA TYR B 63 -20.45 -13.04 -10.98
C TYR B 63 -19.09 -13.76 -11.05
N LEU B 64 -18.15 -13.16 -11.80
CA LEU B 64 -16.79 -13.67 -12.05
C LEU B 64 -15.77 -12.57 -11.99
N LEU B 65 -14.51 -12.92 -11.76
CA LEU B 65 -13.44 -11.94 -11.83
C LEU B 65 -12.36 -12.51 -12.78
N TYR B 66 -11.91 -11.67 -13.71
CA TYR B 66 -10.86 -12.00 -14.66
C TYR B 66 -9.70 -11.04 -14.41
N TYR B 67 -8.48 -11.56 -14.23
CA TYR B 67 -7.33 -10.71 -13.90
C TYR B 67 -6.06 -11.13 -14.63
N THR B 68 -5.16 -10.16 -14.87
CA THR B 68 -3.86 -10.40 -15.50
C THR B 68 -2.82 -9.48 -14.90
N GLU B 69 -1.63 -10.02 -14.59
CA GLU B 69 -0.48 -9.26 -14.11
C GLU B 69 -0.02 -8.33 -15.23
N PHE B 70 0.25 -7.06 -14.90
CA PHE B 70 0.68 -6.08 -15.90
C PHE B 70 1.46 -4.95 -15.26
N THR B 71 2.35 -4.33 -16.05
CA THR B 71 3.15 -3.19 -15.62
C THR B 71 2.62 -1.97 -16.40
N PRO B 72 1.81 -1.10 -15.72
CA PRO B 72 1.22 0.04 -16.43
C PRO B 72 2.24 1.01 -17.00
N THR B 73 2.32 1.04 -18.34
CA THR B 73 3.20 1.93 -19.10
C THR B 73 2.52 3.32 -19.13
N GLU B 74 3.25 4.36 -19.56
CA GLU B 74 2.73 5.73 -19.65
C GLU B 74 1.70 5.86 -20.78
N LYS B 75 1.96 5.21 -21.94
CA LYS B 75 1.16 5.30 -23.16
C LYS B 75 0.17 4.15 -23.35
N ASP B 76 0.32 3.03 -22.61
CA ASP B 76 -0.53 1.83 -22.73
C ASP B 76 -2.01 2.09 -22.48
N GLU B 77 -2.85 1.56 -23.39
CA GLU B 77 -4.30 1.67 -23.37
C GLU B 77 -4.92 0.30 -23.10
N TYR B 78 -5.49 0.12 -21.90
CA TYR B 78 -6.11 -1.13 -21.47
C TYR B 78 -7.63 -1.02 -21.43
N ALA B 79 -8.32 -2.14 -21.75
CA ALA B 79 -9.77 -2.24 -21.81
C ALA B 79 -10.28 -3.68 -21.60
N CYS B 80 -11.63 -3.86 -21.50
CA CYS B 80 -12.28 -5.15 -21.28
C CYS B 80 -13.45 -5.33 -22.23
N ARG B 81 -13.35 -6.32 -23.12
CA ARG B 81 -14.40 -6.66 -24.08
C ARG B 81 -15.25 -7.79 -23.48
N VAL B 82 -16.58 -7.62 -23.50
CA VAL B 82 -17.48 -8.61 -22.94
C VAL B 82 -18.65 -8.89 -23.90
N ASN B 83 -18.96 -10.18 -24.13
CA ASN B 83 -20.14 -10.58 -24.88
C ASN B 83 -20.89 -11.67 -24.10
N HIS B 84 -22.23 -11.52 -24.10
CA HIS B 84 -23.25 -12.35 -23.47
C HIS B 84 -24.36 -12.63 -24.52
N VAL B 85 -25.39 -13.38 -24.11
CA VAL B 85 -26.58 -13.74 -24.89
C VAL B 85 -27.42 -12.45 -25.12
N THR B 86 -27.43 -11.56 -24.09
CA THR B 86 -28.14 -10.27 -24.05
C THR B 86 -27.40 -9.16 -24.86
N LEU B 87 -26.20 -9.47 -25.39
CA LEU B 87 -25.44 -8.50 -26.15
C LEU B 87 -25.32 -8.93 -27.61
N SER B 88 -25.83 -8.06 -28.51
CA SER B 88 -25.79 -8.26 -29.97
C SER B 88 -24.38 -7.98 -30.49
N GLN B 89 -23.73 -6.93 -29.92
CA GLN B 89 -22.37 -6.48 -30.21
C GLN B 89 -21.60 -6.42 -28.87
N PRO B 90 -20.34 -6.96 -28.78
CA PRO B 90 -19.62 -6.95 -27.50
C PRO B 90 -19.31 -5.55 -26.96
N LYS B 91 -19.49 -5.37 -25.64
CA LYS B 91 -19.23 -4.12 -24.94
C LYS B 91 -17.76 -4.05 -24.56
N ILE B 92 -17.09 -2.96 -24.94
CA ILE B 92 -15.68 -2.75 -24.57
C ILE B 92 -15.65 -1.63 -23.54
N VAL B 93 -15.05 -1.91 -22.38
CA VAL B 93 -14.95 -0.98 -21.24
C VAL B 93 -13.47 -0.66 -20.98
N LYS B 94 -13.07 0.58 -21.34
CA LYS B 94 -11.70 1.09 -21.17
C LYS B 94 -11.34 1.26 -19.69
N TRP B 95 -10.06 0.99 -19.35
CA TRP B 95 -9.58 1.17 -17.97
C TRP B 95 -9.28 2.65 -17.74
N ASP B 96 -9.78 3.22 -16.62
CA ASP B 96 -9.55 4.62 -16.30
C ASP B 96 -8.47 4.77 -15.25
N ARG B 97 -7.56 5.71 -15.47
CA ARG B 97 -6.46 5.99 -14.55
C ARG B 97 -6.75 7.23 -13.70
N THR C 3 8.01 25.53 0.73
CA THR C 3 9.00 26.10 1.64
C THR C 3 10.39 25.49 1.31
N HIS C 4 10.67 25.31 -0.01
CA HIS C 4 11.87 24.71 -0.63
C HIS C 4 13.22 25.36 -0.22
N SER C 5 14.32 24.56 -0.31
CA SER C 5 15.69 24.97 0.04
C SER C 5 16.81 24.37 -0.85
N LEU C 6 17.90 25.14 -1.05
CA LEU C 6 19.10 24.72 -1.78
C LEU C 6 20.31 24.79 -0.83
N ARG C 7 21.05 23.68 -0.66
CA ARG C 7 22.19 23.62 0.25
C ARG C 7 23.35 22.82 -0.34
N TYR C 8 24.60 23.25 -0.10
CA TYR C 8 25.84 22.59 -0.53
C TYR C 8 26.76 22.45 0.63
N PHE C 9 27.27 21.23 0.87
CA PHE C 9 28.21 21.07 1.98
C PHE C 9 29.56 20.57 1.53
N ARG C 10 30.55 20.73 2.43
CA ARG C 10 31.94 20.30 2.27
C ARG C 10 32.33 19.53 3.52
N LEU C 11 33.06 18.43 3.36
CA LEU C 11 33.57 17.64 4.46
C LEU C 11 35.05 17.34 4.19
N GLY C 12 35.84 17.43 5.25
CA GLY C 12 37.26 17.13 5.25
C GLY C 12 37.63 16.26 6.43
N VAL C 13 38.41 15.18 6.20
CA VAL C 13 38.83 14.23 7.26
C VAL C 13 40.40 14.03 7.21
N SER C 14 41.04 13.98 8.39
CA SER C 14 42.50 13.89 8.52
C SER C 14 43.10 12.54 8.04
N ASP C 15 43.03 11.48 8.86
CA ASP C 15 43.64 10.19 8.54
C ASP C 15 42.55 9.12 8.39
N PRO C 16 41.85 9.08 7.22
CA PRO C 16 40.80 8.07 7.04
C PRO C 16 41.43 6.76 6.55
N ILE C 17 41.32 5.75 7.43
CA ILE C 17 41.88 4.40 7.26
C ILE C 17 41.30 3.62 6.03
N HIS C 18 40.24 4.13 5.36
CA HIS C 18 39.68 3.48 4.17
C HIS C 18 39.06 4.50 3.25
N PRO C 21 37.09 9.40 1.19
CA PRO C 21 38.26 10.23 0.91
C PRO C 21 38.29 11.48 1.81
N GLU C 22 39.43 12.21 1.79
CA GLU C 22 39.65 13.37 2.66
C GLU C 22 38.74 14.57 2.29
N PHE C 23 38.12 14.58 1.08
CA PHE C 23 37.22 15.67 0.70
C PHE C 23 35.97 15.17 -0.03
N ILE C 24 34.79 15.69 0.35
CA ILE C 24 33.51 15.35 -0.26
C ILE C 24 32.65 16.61 -0.30
N SER C 25 31.97 16.87 -1.42
CA SER C 25 31.05 18.00 -1.56
C SER C 25 29.78 17.57 -2.30
N VAL C 26 28.64 17.70 -1.60
CA VAL C 26 27.33 17.28 -2.08
C VAL C 26 26.35 18.43 -1.90
N GLY C 27 25.47 18.58 -2.89
CA GLY C 27 24.42 19.58 -2.95
C GLY C 27 23.05 18.93 -2.91
N TYR C 28 22.04 19.67 -2.39
CA TYR C 28 20.67 19.21 -2.26
C TYR C 28 19.63 20.26 -2.53
N VAL C 29 18.61 19.88 -3.31
CA VAL C 29 17.43 20.73 -3.38
C VAL C 29 16.45 19.97 -2.49
N ASP C 30 16.22 20.53 -1.32
CA ASP C 30 15.40 19.98 -0.25
C ASP C 30 16.04 18.69 0.27
N SER C 31 15.45 17.53 -0.02
CA SER C 31 15.95 16.22 0.43
C SER C 31 16.67 15.48 -0.71
N HIS C 32 16.66 16.05 -1.93
CA HIS C 32 17.23 15.44 -3.10
C HIS C 32 18.69 15.76 -3.32
N PRO C 33 19.55 14.72 -3.40
CA PRO C 33 20.95 14.96 -3.81
C PRO C 33 20.93 15.38 -5.26
N ILE C 34 21.74 16.38 -5.61
CA ILE C 34 21.74 16.94 -6.94
C ILE C 34 23.11 16.86 -7.61
N THR C 35 24.21 17.08 -6.85
CA THR C 35 25.59 17.07 -7.33
C THR C 35 26.50 16.38 -6.32
N THR C 36 27.68 15.91 -6.78
CA THR C 36 28.72 15.27 -5.96
C THR C 36 30.10 15.55 -6.50
N TYR C 37 31.06 15.61 -5.57
CA TYR C 37 32.49 15.79 -5.81
C TYR C 37 33.23 15.16 -4.66
N ASP C 38 34.37 14.58 -4.92
CA ASP C 38 35.24 13.99 -3.90
C ASP C 38 36.66 13.99 -4.36
N SER C 39 37.61 13.98 -3.40
CA SER C 39 39.05 14.02 -3.63
C SER C 39 39.58 12.87 -4.55
N VAL C 40 38.82 11.77 -4.73
CA VAL C 40 39.16 10.63 -5.58
C VAL C 40 38.74 10.93 -7.03
N THR C 41 37.45 11.14 -7.27
CA THR C 41 36.94 11.46 -8.61
C THR C 41 36.93 12.96 -8.65
N ARG C 42 38.04 13.56 -9.10
CA ARG C 42 38.19 15.03 -9.11
C ARG C 42 37.29 15.69 -10.18
N GLN C 43 35.96 15.42 -10.09
CA GLN C 43 34.93 15.89 -10.99
C GLN C 43 33.60 16.12 -10.29
N LYS C 44 32.88 17.19 -10.70
CA LYS C 44 31.53 17.52 -10.23
C LYS C 44 30.56 16.79 -11.13
N GLU C 45 29.64 16.04 -10.52
CA GLU C 45 28.74 15.14 -11.20
C GLU C 45 27.31 15.29 -10.79
N PRO C 46 26.32 15.02 -11.68
CA PRO C 46 24.92 15.09 -11.22
C PRO C 46 24.50 13.82 -10.45
N ARG C 47 23.64 13.99 -9.43
CA ARG C 47 23.11 12.89 -8.62
C ARG C 47 21.56 12.77 -8.78
N ALA C 48 21.00 13.44 -9.83
CA ALA C 48 19.58 13.45 -10.23
C ALA C 48 19.49 13.49 -11.78
N PRO C 49 18.48 12.89 -12.44
CA PRO C 49 18.47 12.84 -13.92
C PRO C 49 18.19 14.19 -14.60
N TRP C 50 17.31 15.01 -13.98
CA TRP C 50 16.90 16.34 -14.43
C TRP C 50 18.04 17.37 -14.30
N MET C 51 19.16 16.91 -13.71
CA MET C 51 20.39 17.66 -13.53
C MET C 51 21.31 17.34 -14.69
N ALA C 52 21.33 16.06 -15.14
CA ALA C 52 22.11 15.63 -16.29
C ALA C 52 21.65 16.42 -17.52
N GLU C 53 20.31 16.39 -17.80
CA GLU C 53 19.64 17.20 -18.83
C GLU C 53 19.45 18.58 -18.23
N ASN C 54 19.09 19.59 -19.03
CA ASN C 54 18.90 20.99 -18.58
C ASN C 54 20.24 21.72 -18.33
N LEU C 55 21.23 21.08 -17.65
CA LEU C 55 22.51 21.74 -17.37
C LEU C 55 23.60 21.42 -18.40
N ALA C 56 24.06 22.48 -19.09
CA ALA C 56 25.10 22.48 -20.13
C ALA C 56 26.44 22.03 -19.57
N PRO C 57 27.31 21.38 -20.40
CA PRO C 57 28.61 20.91 -19.87
C PRO C 57 29.55 22.02 -19.37
N ASP C 58 29.25 23.29 -19.69
CA ASP C 58 29.99 24.47 -19.24
C ASP C 58 29.92 24.59 -17.73
N HIS C 59 28.74 24.30 -17.16
CA HIS C 59 28.43 24.38 -15.72
C HIS C 59 29.29 23.43 -14.90
N TRP C 60 29.42 22.19 -15.36
CA TRP C 60 30.17 21.12 -14.70
C TRP C 60 31.66 21.40 -14.75
N GLU C 61 32.17 21.80 -15.92
CA GLU C 61 33.57 22.12 -16.14
C GLU C 61 34.03 23.28 -15.26
N ARG C 62 33.22 24.37 -15.19
CA ARG C 62 33.55 25.57 -14.40
C ARG C 62 33.62 25.26 -12.90
N TYR C 63 32.64 24.48 -12.41
CA TYR C 63 32.53 24.13 -11.00
C TYR C 63 33.47 22.98 -10.62
N THR C 64 33.96 22.19 -11.59
CA THR C 64 34.96 21.16 -11.30
C THR C 64 36.27 21.91 -10.93
N GLN C 65 36.73 22.86 -11.80
CA GLN C 65 37.94 23.67 -11.58
C GLN C 65 37.88 24.36 -10.23
N LEU C 66 36.73 25.02 -9.93
CA LEU C 66 36.52 25.77 -8.71
C LEU C 66 36.74 24.93 -7.46
N LEU C 67 36.07 23.76 -7.43
CA LEU C 67 36.07 22.81 -6.33
C LEU C 67 37.42 22.16 -6.10
N ARG C 68 38.19 21.89 -7.18
CA ARG C 68 39.54 21.32 -7.15
C ARG C 68 40.47 22.20 -6.31
N GLY C 69 40.16 23.50 -6.32
CA GLY C 69 40.87 24.52 -5.56
C GLY C 69 40.33 24.61 -4.16
N TRP C 70 39.00 24.46 -4.01
CA TRP C 70 38.35 24.49 -2.70
C TRP C 70 38.75 23.26 -1.89
N GLN C 71 39.17 22.19 -2.59
CA GLN C 71 39.69 20.93 -2.04
C GLN C 71 40.99 21.25 -1.29
N GLN C 72 41.90 22.01 -1.94
CA GLN C 72 43.19 22.40 -1.41
C GLN C 72 43.09 23.36 -0.22
N MET C 73 42.16 24.31 -0.29
CA MET C 73 41.92 25.28 0.78
C MET C 73 41.45 24.58 2.05
N PHE C 74 40.52 23.61 1.88
CA PHE C 74 39.93 22.83 2.97
C PHE C 74 41.02 22.06 3.72
N LYS C 75 41.97 21.44 2.97
CA LYS C 75 43.07 20.69 3.54
C LYS C 75 43.93 21.57 4.44
N VAL C 76 44.25 22.78 3.94
CA VAL C 76 45.06 23.80 4.61
C VAL C 76 44.34 24.27 5.90
N GLU C 77 43.09 24.80 5.73
CA GLU C 77 42.22 25.31 6.81
C GLU C 77 42.08 24.32 7.99
N LEU C 78 41.95 23.01 7.70
CA LEU C 78 41.83 21.95 8.68
C LEU C 78 43.20 21.71 9.36
N LYS C 79 44.27 21.42 8.60
CA LYS C 79 45.63 21.19 9.15
C LYS C 79 45.97 22.23 10.23
N ARG C 80 45.64 23.52 9.93
CA ARG C 80 45.81 24.73 10.73
C ARG C 80 45.07 24.63 12.08
N LEU C 81 43.80 24.15 12.03
CA LEU C 81 42.90 23.99 13.18
C LEU C 81 43.41 23.04 14.25
N GLN C 82 43.96 21.88 13.84
CA GLN C 82 44.50 20.86 14.73
C GLN C 82 45.75 21.34 15.41
N ARG C 83 46.47 22.28 14.79
CA ARG C 83 47.71 22.83 15.32
C ARG C 83 47.43 23.96 16.29
N HIS C 84 46.28 24.67 16.16
CA HIS C 84 45.94 25.73 17.11
C HIS C 84 45.37 25.10 18.36
N TYR C 85 44.76 23.91 18.23
CA TYR C 85 44.36 23.04 19.32
C TYR C 85 45.60 22.18 19.54
N ASN C 86 45.58 21.11 20.36
CA ASN C 86 46.81 20.30 20.33
C ASN C 86 46.45 18.92 19.77
N HIS C 87 45.59 18.96 18.75
CA HIS C 87 44.98 17.81 18.14
C HIS C 87 45.87 17.06 17.21
N SER C 88 45.85 15.74 17.40
CA SER C 88 46.58 14.71 16.66
C SER C 88 45.61 13.57 16.33
N GLY C 89 45.86 12.89 15.22
CA GLY C 89 45.02 11.81 14.73
C GLY C 89 44.10 12.29 13.62
N SER C 90 42.91 11.68 13.51
CA SER C 90 41.94 12.05 12.49
C SER C 90 40.86 12.97 13.08
N HIS C 91 40.54 14.06 12.38
CA HIS C 91 39.54 15.04 12.80
C HIS C 91 38.71 15.50 11.60
N THR C 92 37.44 15.90 11.86
CA THR C 92 36.41 16.27 10.88
C THR C 92 36.12 17.78 10.83
N TYR C 93 36.07 18.33 9.60
CA TYR C 93 35.77 19.73 9.32
C TYR C 93 34.65 19.80 8.28
N GLN C 94 33.55 20.51 8.61
CA GLN C 94 32.35 20.63 7.78
C GLN C 94 31.94 22.07 7.56
N ARG C 95 31.39 22.35 6.37
CA ARG C 95 30.97 23.66 5.91
C ARG C 95 29.61 23.57 5.26
N MET C 96 28.75 24.62 5.40
CA MET C 96 27.45 24.61 4.72
C MET C 96 26.93 26.01 4.34
N ILE C 97 26.50 26.16 3.07
CA ILE C 97 25.86 27.33 2.45
C ILE C 97 24.52 26.89 1.96
N GLY C 98 23.74 27.85 1.49
CA GLY C 98 22.40 27.61 0.99
C GLY C 98 21.41 28.59 1.55
N CYS C 99 20.19 28.48 1.04
CA CYS C 99 19.06 29.33 1.41
C CYS C 99 17.74 28.58 1.23
N GLU C 100 16.65 29.25 1.62
CA GLU C 100 15.28 28.78 1.60
C GLU C 100 14.34 29.76 0.93
N LEU C 101 13.23 29.25 0.38
CA LEU C 101 12.19 30.08 -0.20
C LEU C 101 10.90 29.74 0.53
N LEU C 102 10.57 30.58 1.54
CA LEU C 102 9.40 30.42 2.41
C LEU C 102 8.14 30.76 1.64
N GLU C 103 7.09 29.96 1.89
CA GLU C 103 5.83 29.97 1.14
C GLU C 103 5.22 31.38 0.98
N ASP C 104 5.51 32.31 1.92
CA ASP C 104 5.02 33.69 1.87
C ASP C 104 5.64 34.46 0.68
N GLY C 105 6.95 34.30 0.50
CA GLY C 105 7.71 34.95 -0.56
C GLY C 105 9.06 35.42 -0.06
N SER C 106 9.22 35.41 1.28
CA SER C 106 10.45 35.80 2.01
C SER C 106 11.53 34.76 1.85
N THR C 107 12.76 35.23 1.78
CA THR C 107 13.93 34.38 1.57
C THR C 107 14.90 34.52 2.72
N THR C 108 15.59 33.42 3.02
CA THR C 108 16.63 33.34 4.04
C THR C 108 17.95 33.04 3.28
N GLY C 109 18.99 32.59 3.99
CA GLY C 109 20.32 32.29 3.46
C GLY C 109 21.34 32.23 4.57
N PHE C 110 22.11 31.13 4.65
CA PHE C 110 23.07 30.89 5.72
C PHE C 110 24.45 30.43 5.23
N LEU C 111 25.44 30.50 6.14
CA LEU C 111 26.83 30.06 5.98
C LEU C 111 27.39 29.71 7.36
N GLN C 112 27.68 28.42 7.55
CA GLN C 112 28.17 27.86 8.80
C GLN C 112 29.37 26.91 8.58
N TYR C 113 30.15 26.68 9.66
CA TYR C 113 31.32 25.78 9.77
C TYR C 113 31.33 24.99 11.11
N ALA C 114 31.87 23.74 11.11
CA ALA C 114 31.99 22.91 12.31
C ALA C 114 33.24 22.06 12.33
N TYR C 115 33.88 21.98 13.50
CA TYR C 115 35.08 21.15 13.75
C TYR C 115 34.66 20.09 14.75
N ASP C 116 34.75 18.80 14.34
CA ASP C 116 34.37 17.61 15.12
C ASP C 116 32.86 17.65 15.49
N GLY C 117 32.04 18.09 14.52
CA GLY C 117 30.59 18.20 14.65
C GLY C 117 30.07 19.22 15.65
N GLN C 118 30.91 20.22 16.02
CA GLN C 118 30.58 21.33 16.92
C GLN C 118 30.69 22.65 16.20
N ASP C 119 29.64 23.51 16.34
CA ASP C 119 29.53 24.84 15.72
C ASP C 119 30.79 25.62 16.00
N PHE C 120 31.46 26.07 14.92
CA PHE C 120 32.72 26.76 15.05
C PHE C 120 32.60 28.24 14.61
N LEU C 121 32.07 28.47 13.38
CA LEU C 121 31.93 29.80 12.78
C LEU C 121 30.62 29.94 12.02
N ILE C 122 29.95 31.08 12.25
CA ILE C 122 28.67 31.45 11.67
C ILE C 122 28.83 32.81 10.98
N PHE C 123 28.43 32.90 9.70
CA PHE C 123 28.59 34.14 8.95
C PHE C 123 27.35 35.04 8.99
N ASN C 124 27.56 36.36 9.33
CA ASN C 124 26.54 37.40 9.22
C ASN C 124 26.90 38.25 7.96
N LYS C 125 26.09 38.03 6.90
CA LYS C 125 26.22 38.64 5.56
C LYS C 125 25.92 40.16 5.52
N ASP C 126 25.27 40.69 6.56
CA ASP C 126 24.86 42.09 6.61
C ASP C 126 25.94 42.98 7.21
N THR C 127 26.91 42.37 7.91
CA THR C 127 28.05 43.10 8.50
C THR C 127 29.40 42.50 8.02
N LEU C 128 29.36 41.50 7.08
CA LEU C 128 30.55 40.80 6.56
C LEU C 128 31.43 40.35 7.72
N SER C 129 30.79 39.78 8.76
CA SER C 129 31.45 39.37 9.99
C SER C 129 31.13 37.92 10.36
N TRP C 130 31.94 37.37 11.28
CA TRP C 130 31.86 36.01 11.76
C TRP C 130 31.56 35.97 13.25
N LEU C 131 30.69 35.04 13.67
CA LEU C 131 30.39 34.78 15.08
C LEU C 131 31.22 33.55 15.50
N ALA C 132 32.35 33.83 16.17
CA ALA C 132 33.32 32.83 16.58
C ALA C 132 32.91 32.17 17.89
N VAL C 133 33.10 30.83 17.97
CA VAL C 133 32.74 30.02 19.14
C VAL C 133 33.81 30.14 20.30
N ASP C 134 35.13 30.01 20.00
CA ASP C 134 36.20 30.09 20.99
C ASP C 134 37.32 31.06 20.55
N ASN C 135 38.47 31.00 21.19
CA ASN C 135 39.56 31.88 20.84
C ASN C 135 40.23 31.49 19.52
N VAL C 136 40.26 30.18 19.19
CA VAL C 136 40.81 29.64 17.92
C VAL C 136 40.01 30.22 16.75
N ALA C 137 38.68 30.01 16.73
CA ALA C 137 37.77 30.52 15.74
C ALA C 137 37.98 32.02 15.51
N HIS C 138 38.16 32.82 16.60
CA HIS C 138 38.36 34.28 16.56
C HIS C 138 39.65 34.68 15.80
N THR C 139 40.69 33.86 15.89
CA THR C 139 41.93 34.16 15.20
C THR C 139 41.77 33.78 13.68
N ILE C 140 41.03 32.68 13.36
CA ILE C 140 40.74 32.30 11.98
C ILE C 140 39.79 33.37 11.36
N LYS C 141 38.73 33.77 12.12
CA LYS C 141 37.75 34.79 11.74
C LYS C 141 38.50 36.04 11.27
N GLN C 142 39.48 36.51 12.09
CA GLN C 142 40.33 37.68 11.84
C GLN C 142 41.04 37.57 10.49
N ALA C 143 41.58 36.36 10.10
CA ALA C 143 42.25 36.20 8.82
C ALA C 143 42.35 34.78 8.22
N TRP C 144 42.16 34.73 6.88
CA TRP C 144 42.39 33.68 5.88
C TRP C 144 43.10 34.34 4.66
N GLU C 145 43.70 33.53 3.76
CA GLU C 145 44.36 34.04 2.57
C GLU C 145 43.28 34.62 1.64
N ALA C 146 43.45 35.91 1.27
CA ALA C 146 42.53 36.70 0.43
C ALA C 146 41.17 36.89 1.07
N ASN C 147 41.23 37.28 2.34
CA ASN C 147 40.09 37.56 3.19
C ASN C 147 38.90 38.21 2.54
N GLN C 148 39.00 39.44 2.03
CA GLN C 148 37.86 40.23 1.62
C GLN C 148 37.00 39.73 0.48
N HIS C 149 37.66 39.29 -0.59
CA HIS C 149 36.99 38.87 -1.80
C HIS C 149 36.09 37.68 -1.51
N GLU C 150 36.54 36.77 -0.62
CA GLU C 150 35.77 35.61 -0.23
C GLU C 150 34.49 36.09 0.42
N LEU C 151 34.60 36.94 1.46
CA LEU C 151 33.44 37.49 2.18
C LEU C 151 32.45 38.12 1.23
N LEU C 152 32.95 38.87 0.23
CA LEU C 152 32.08 39.51 -0.76
C LEU C 152 31.44 38.47 -1.73
N TYR C 153 32.24 37.48 -2.18
CA TYR C 153 31.80 36.38 -3.06
C TYR C 153 30.65 35.65 -2.39
N GLN C 154 30.85 35.35 -1.10
CA GLN C 154 29.85 34.66 -0.31
C GLN C 154 28.61 35.53 -0.15
N LYS C 155 28.75 36.79 0.35
CA LYS C 155 27.63 37.72 0.52
C LYS C 155 26.74 37.75 -0.72
N ASN C 156 27.35 38.06 -1.89
CA ASN C 156 26.68 38.15 -3.20
C ASN C 156 26.01 36.83 -3.63
N TRP C 157 26.70 35.68 -3.36
CA TRP C 157 26.13 34.40 -3.78
C TRP C 157 24.81 34.15 -3.11
N LEU C 158 24.72 34.40 -1.78
CA LEU C 158 23.50 34.22 -1.00
C LEU C 158 22.43 35.23 -1.42
N GLU C 159 22.83 36.54 -1.37
CA GLU C 159 22.04 37.73 -1.70
C GLU C 159 21.44 37.72 -3.12
N GLU C 160 22.14 37.12 -4.10
CA GLU C 160 21.67 37.07 -5.49
C GLU C 160 21.51 35.58 -5.97
N GLU C 161 22.59 35.12 -6.58
CA GLU C 161 22.82 33.84 -7.20
C GLU C 161 22.07 32.62 -6.57
N CYS C 162 22.03 32.49 -5.23
CA CYS C 162 21.43 31.33 -4.60
C CYS C 162 19.95 31.11 -4.84
N ILE C 163 19.10 32.17 -4.63
CA ILE C 163 17.66 31.93 -4.79
C ILE C 163 17.31 31.79 -6.27
N ALA C 164 18.10 32.47 -7.15
CA ALA C 164 17.93 32.40 -8.58
C ALA C 164 18.10 30.94 -9.05
N TRP C 165 19.22 30.28 -8.60
CA TRP C 165 19.61 28.89 -8.90
C TRP C 165 18.59 27.89 -8.41
N LEU C 166 18.05 28.12 -7.20
CA LEU C 166 17.03 27.27 -6.59
C LEU C 166 15.79 27.26 -7.47
N LYS C 167 15.35 28.45 -7.93
CA LYS C 167 14.20 28.64 -8.80
C LYS C 167 14.35 27.86 -10.12
N ARG C 168 15.59 27.83 -10.67
CA ARG C 168 15.90 27.11 -11.90
C ARG C 168 15.78 25.59 -11.67
N PHE C 169 16.39 25.10 -10.58
CA PHE C 169 16.37 23.70 -10.17
C PHE C 169 14.94 23.22 -9.91
N LEU C 170 14.09 24.10 -9.35
CA LEU C 170 12.69 23.78 -9.08
C LEU C 170 11.87 23.70 -10.40
N GLU C 171 12.33 24.39 -11.49
CA GLU C 171 11.59 24.26 -12.74
C GLU C 171 12.08 23.05 -13.53
N TYR C 172 12.96 22.26 -12.93
CA TYR C 172 13.38 20.98 -13.45
C TYR C 172 12.77 19.91 -12.50
N GLY C 173 11.66 20.28 -11.86
CA GLY C 173 10.93 19.48 -10.88
C GLY C 173 9.50 19.10 -11.22
N LYS C 174 9.27 17.78 -11.27
CA LYS C 174 8.01 17.02 -11.49
C LYS C 174 7.94 15.96 -10.37
N ASP C 175 8.73 16.24 -9.32
CA ASP C 175 8.89 15.51 -8.08
C ASP C 175 9.26 16.50 -7.00
N THR C 176 10.21 17.41 -7.28
CA THR C 176 10.63 18.41 -6.30
C THR C 176 9.42 19.36 -6.06
N LEU C 177 8.87 19.97 -7.13
CA LEU C 177 7.74 20.92 -7.13
C LEU C 177 6.46 20.22 -6.71
N GLN C 178 6.30 18.94 -7.14
CA GLN C 178 5.19 18.05 -6.83
C GLN C 178 5.31 17.72 -5.35
N ARG C 179 4.40 18.23 -4.52
CA ARG C 179 4.45 18.00 -3.08
C ARG C 179 3.21 17.17 -2.69
N THR C 180 2.78 16.27 -3.58
CA THR C 180 1.58 15.50 -3.35
C THR C 180 1.77 14.06 -3.74
N GLU C 181 1.91 13.26 -2.69
CA GLU C 181 1.97 11.82 -2.64
C GLU C 181 1.45 11.50 -1.24
N PRO C 182 0.14 11.18 -1.12
CA PRO C 182 -0.49 11.08 0.20
C PRO C 182 -0.10 9.86 1.04
N PRO C 183 -0.07 10.02 2.40
CA PRO C 183 0.27 8.90 3.28
C PRO C 183 -0.83 7.85 3.40
N LEU C 184 -0.43 6.60 3.73
CA LEU C 184 -1.35 5.51 3.91
C LEU C 184 -1.24 5.00 5.36
N VAL C 185 -2.15 5.53 6.21
CA VAL C 185 -2.16 5.35 7.67
C VAL C 185 -3.08 4.20 8.10
N ARG C 186 -2.54 3.37 9.01
CA ARG C 186 -3.10 2.17 9.61
C ARG C 186 -2.70 2.09 11.10
N VAL C 187 -3.59 1.58 11.96
CA VAL C 187 -3.29 1.48 13.39
C VAL C 187 -3.37 0.02 13.86
N ASN C 188 -2.29 -0.50 14.50
CA ASN C 188 -2.25 -1.87 15.00
C ASN C 188 -1.67 -2.00 16.43
N ARG C 189 -2.45 -2.62 17.38
CA ARG C 189 -2.08 -2.91 18.77
C ARG C 189 -0.86 -3.88 18.86
N LYS C 190 0.20 -3.44 19.54
CA LYS C 190 1.42 -4.21 19.76
C LYS C 190 1.58 -4.57 21.24
N THR C 197 -0.05 -3.50 26.48
CA THR C 197 -0.28 -3.28 25.05
C THR C 197 -0.15 -1.78 24.70
N ALA C 198 0.36 -1.51 23.49
CA ALA C 198 0.59 -0.17 22.96
C ALA C 198 -0.05 0.00 21.59
N LEU C 199 -0.67 1.16 21.34
CA LEU C 199 -1.30 1.43 20.06
C LEU C 199 -0.28 2.05 19.12
N PHE C 200 -0.18 1.48 17.92
CA PHE C 200 0.80 1.92 16.95
C PHE C 200 0.15 2.48 15.70
N CYS C 201 0.45 3.76 15.42
CA CYS C 201 -0.01 4.40 14.21
C CYS C 201 1.10 4.32 13.22
N LYS C 202 0.83 3.73 12.06
CA LYS C 202 1.84 3.60 11.04
C LYS C 202 1.41 4.26 9.73
N ALA C 203 2.19 5.25 9.26
CA ALA C 203 1.95 5.92 7.99
C ALA C 203 3.10 5.61 7.02
N HIS C 204 2.79 5.33 5.73
CA HIS C 204 3.79 5.02 4.70
C HIS C 204 3.41 5.56 3.29
N GLY C 205 4.36 5.51 2.37
CA GLY C 205 4.19 5.92 0.97
C GLY C 205 3.93 7.37 0.63
N PHE C 206 4.29 8.29 1.54
CA PHE C 206 4.05 9.71 1.34
C PHE C 206 5.26 10.47 0.78
N TYR C 207 4.98 11.65 0.17
CA TYR C 207 5.95 12.62 -0.38
C TYR C 207 5.33 14.03 -0.39
N PRO C 208 6.04 15.11 0.07
CA PRO C 208 7.42 15.18 0.60
C PRO C 208 7.57 14.55 1.99
N PRO C 209 8.80 14.37 2.50
CA PRO C 209 8.97 13.72 3.81
C PRO C 209 8.52 14.55 5.01
N GLU C 210 8.08 15.80 4.85
CA GLU C 210 7.59 16.53 6.02
C GLU C 210 6.12 16.08 6.32
N ILE C 211 5.97 15.49 7.52
CA ILE C 211 4.69 15.00 8.02
C ILE C 211 4.62 15.24 9.54
N TYR C 212 3.42 15.12 10.07
CA TYR C 212 3.17 15.23 11.49
C TYR C 212 2.10 14.28 11.89
N MET C 213 2.41 13.42 12.86
CA MET C 213 1.44 12.50 13.40
C MET C 213 1.52 12.48 14.94
N THR C 214 0.34 12.39 15.59
CA THR C 214 0.19 12.40 17.04
C THR C 214 -0.98 11.52 17.50
N TRP C 215 -0.96 11.14 18.80
CA TRP C 215 -2.00 10.35 19.48
C TRP C 215 -2.75 11.29 20.43
N MET C 216 -4.07 11.12 20.57
CA MET C 216 -4.86 12.01 21.43
C MET C 216 -5.93 11.30 22.27
N LYS C 217 -5.82 11.41 23.62
CA LYS C 217 -6.81 10.86 24.56
C LYS C 217 -7.95 11.86 24.68
N ASN C 218 -9.16 11.48 24.24
CA ASN C 218 -10.41 12.26 24.28
C ASN C 218 -10.26 13.70 23.68
N GLY C 219 -9.41 13.83 22.67
CA GLY C 219 -9.17 15.12 22.03
C GLY C 219 -7.94 15.82 22.55
N GLU C 220 -7.53 15.54 23.81
CA GLU C 220 -6.35 16.15 24.41
C GLU C 220 -5.13 15.42 23.93
N GLU C 221 -4.12 16.15 23.45
CA GLU C 221 -2.85 15.57 23.03
C GLU C 221 -1.94 15.46 24.27
N ILE C 222 -1.35 14.28 24.51
CA ILE C 222 -0.48 14.06 25.67
C ILE C 222 0.95 13.63 25.21
N VAL C 223 1.79 14.64 24.83
CA VAL C 223 3.19 14.54 24.37
C VAL C 223 4.12 13.68 25.26
N GLN C 224 3.90 13.70 26.60
CA GLN C 224 4.70 12.97 27.59
C GLN C 224 4.35 11.46 27.63
N GLU C 225 3.18 11.05 27.09
CA GLU C 225 2.78 9.65 27.03
C GLU C 225 3.10 9.04 25.63
N ILE C 226 3.32 9.92 24.60
CA ILE C 226 3.62 9.56 23.21
C ILE C 226 5.11 9.36 22.97
N ASP C 227 5.44 8.31 22.20
CA ASP C 227 6.79 7.99 21.73
C ASP C 227 6.78 8.04 20.21
N TYR C 228 7.40 9.08 19.62
CA TYR C 228 7.43 9.30 18.17
C TYR C 228 8.61 8.62 17.50
N GLY C 229 8.35 8.18 16.29
CA GLY C 229 9.35 7.55 15.44
C GLY C 229 9.83 8.54 14.40
N ASP C 230 11.03 8.30 13.86
CA ASP C 230 11.65 9.15 12.85
C ASP C 230 10.99 8.97 11.49
N ILE C 231 11.15 10.00 10.62
CA ILE C 231 10.69 9.89 9.23
C ILE C 231 11.84 9.17 8.54
N LEU C 232 11.52 8.07 7.86
CA LEU C 232 12.51 7.22 7.23
C LEU C 232 12.36 7.12 5.73
N PRO C 233 13.49 6.98 5.03
CA PRO C 233 13.41 6.71 3.59
C PRO C 233 12.96 5.26 3.32
N SER C 234 12.20 5.05 2.26
CA SER C 234 11.77 3.69 1.89
C SER C 234 12.69 3.13 0.79
N GLY C 235 13.19 4.03 -0.07
CA GLY C 235 14.05 3.71 -1.21
C GLY C 235 13.37 4.07 -2.51
N ASP C 236 12.03 3.79 -2.61
CA ASP C 236 11.21 4.03 -3.80
C ASP C 236 10.89 5.55 -4.02
N GLY C 237 11.45 6.42 -3.17
CA GLY C 237 11.28 7.87 -3.24
C GLY C 237 10.17 8.40 -2.36
N THR C 238 9.54 7.50 -1.60
CA THR C 238 8.48 7.84 -0.66
C THR C 238 9.03 7.54 0.72
N TYR C 239 8.35 7.99 1.79
CA TYR C 239 8.84 7.81 3.15
C TYR C 239 7.82 7.06 4.03
N GLN C 240 8.26 6.64 5.25
CA GLN C 240 7.43 6.00 6.29
C GLN C 240 7.75 6.60 7.66
N ALA C 241 6.77 6.56 8.60
CA ALA C 241 6.88 7.06 10.00
C ALA C 241 5.83 6.43 10.89
N TRP C 242 6.00 6.55 12.23
CA TRP C 242 5.06 6.02 13.25
C TRP C 242 5.06 6.86 14.55
N ALA C 243 4.03 6.66 15.36
CA ALA C 243 3.90 7.24 16.71
C ALA C 243 3.18 6.21 17.58
N SER C 244 3.57 6.08 18.84
CA SER C 244 2.94 5.07 19.68
C SER C 244 2.48 5.65 21.03
N ILE C 245 1.55 4.95 21.68
CA ILE C 245 0.95 5.33 22.96
C ILE C 245 0.78 4.09 23.86
N GLU C 246 0.98 4.25 25.16
CA GLU C 246 0.82 3.19 26.14
C GLU C 246 -0.64 3.11 26.57
N LEU C 247 -1.31 2.00 26.22
CA LEU C 247 -2.73 1.79 26.55
C LEU C 247 -2.90 1.38 28.04
N ASP C 248 -3.71 2.15 28.77
CA ASP C 248 -4.02 1.95 30.20
C ASP C 248 -5.21 0.95 30.36
N PRO C 249 -5.43 0.31 31.55
CA PRO C 249 -6.56 -0.63 31.68
C PRO C 249 -7.95 -0.02 31.39
N ASN C 253 -12.74 6.09 27.89
CA ASN C 253 -11.38 6.49 27.55
C ASN C 253 -11.07 6.04 26.10
N LEU C 254 -11.27 6.98 25.14
CA LEU C 254 -11.14 6.81 23.70
C LEU C 254 -9.96 7.61 23.10
N TYR C 255 -9.10 6.84 22.40
CA TYR C 255 -7.86 7.28 21.76
C TYR C 255 -8.02 7.36 20.25
N SER C 256 -7.45 8.42 19.66
CA SER C 256 -7.47 8.71 18.23
C SER C 256 -6.09 9.13 17.73
N CYS C 257 -5.84 8.85 16.46
CA CYS C 257 -4.62 9.16 15.77
C CYS C 257 -4.84 10.28 14.80
N HIS C 258 -3.94 11.26 14.79
CA HIS C 258 -4.00 12.43 13.90
C HIS C 258 -2.79 12.49 12.96
N VAL C 259 -3.04 12.82 11.68
CA VAL C 259 -1.98 12.95 10.67
C VAL C 259 -2.23 14.17 9.75
N GLU C 260 -1.22 15.05 9.62
CA GLU C 260 -1.27 16.20 8.70
C GLU C 260 -0.17 16.03 7.68
N HIS C 261 -0.47 16.28 6.39
CA HIS C 261 0.47 16.12 5.28
C HIS C 261 -0.04 16.83 4.02
N SER C 262 0.69 17.91 3.62
CA SER C 262 0.39 18.73 2.45
C SER C 262 -1.09 19.05 2.36
N GLY C 263 -1.54 19.85 3.32
CA GLY C 263 -2.92 20.31 3.44
C GLY C 263 -3.96 19.27 3.84
N VAL C 264 -3.66 17.95 3.66
CA VAL C 264 -4.56 16.82 3.97
C VAL C 264 -4.50 16.53 5.47
N HIS C 265 -5.68 16.47 6.11
CA HIS C 265 -5.84 16.22 7.52
C HIS C 265 -6.67 14.98 7.73
N MET C 266 -6.15 13.99 8.48
CA MET C 266 -6.91 12.78 8.77
C MET C 266 -6.84 12.32 10.24
N VAL C 267 -8.01 11.93 10.77
CA VAL C 267 -8.16 11.43 12.14
C VAL C 267 -8.69 10.00 12.12
N LEU C 268 -7.97 9.04 12.74
CA LEU C 268 -8.32 7.62 12.86
C LEU C 268 -8.70 7.29 14.29
N GLN C 269 -9.85 6.61 14.52
CA GLN C 269 -10.32 6.27 15.88
C GLN C 269 -10.37 4.77 16.14
N VAL C 270 -9.69 4.34 17.20
CA VAL C 270 -9.57 2.97 17.68
C VAL C 270 -10.91 2.49 18.28
N PRO C 271 -11.34 1.22 18.01
CA PRO C 271 -12.60 0.73 18.59
C PRO C 271 -12.50 0.50 20.09
N ILE D 1 33.64 15.01 21.12
CA ILE D 1 32.18 14.97 21.00
C ILE D 1 31.79 13.96 19.91
N GLN D 2 31.57 12.71 20.35
CA GLN D 2 31.22 11.57 19.48
C GLN D 2 29.82 11.06 19.80
N ARG D 3 29.05 10.73 18.76
CA ARG D 3 27.67 10.27 18.92
C ARG D 3 27.49 8.81 18.46
N THR D 4 26.84 7.98 19.30
CA THR D 4 26.52 6.59 18.97
C THR D 4 25.37 6.64 17.96
N PRO D 5 25.42 5.85 16.86
CA PRO D 5 24.35 5.94 15.87
C PRO D 5 23.02 5.33 16.36
N LYS D 6 21.92 5.67 15.66
CA LYS D 6 20.59 5.16 15.92
C LYS D 6 20.29 4.20 14.80
N ILE D 7 20.31 2.89 15.10
CA ILE D 7 20.08 1.82 14.11
C ILE D 7 18.56 1.44 14.05
N GLN D 8 17.99 1.40 12.83
CA GLN D 8 16.58 1.07 12.60
C GLN D 8 16.41 0.12 11.42
N VAL D 9 15.90 -1.10 11.69
CA VAL D 9 15.73 -2.16 10.68
C VAL D 9 14.24 -2.30 10.35
N TYR D 10 13.91 -2.31 9.06
CA TYR D 10 12.53 -2.37 8.58
C TYR D 10 12.50 -2.80 7.09
N SER D 11 11.27 -3.01 6.55
CA SER D 11 11.06 -3.39 5.16
C SER D 11 10.44 -2.22 4.36
N ARG D 12 10.85 -2.07 3.09
CA ARG D 12 10.41 -1.02 2.14
C ARG D 12 8.89 -1.02 2.01
N HIS D 13 8.30 -2.20 1.78
CA HIS D 13 6.86 -2.40 1.71
C HIS D 13 6.44 -3.21 2.93
N PRO D 14 5.16 -3.14 3.39
CA PRO D 14 4.73 -4.02 4.51
C PRO D 14 4.91 -5.51 4.18
N ALA D 15 5.49 -6.26 5.13
CA ALA D 15 5.84 -7.67 5.08
C ALA D 15 4.73 -8.66 4.58
N GLU D 16 5.08 -9.53 3.60
CA GLU D 16 4.21 -10.58 3.04
C GLU D 16 5.08 -11.76 2.61
N ASN D 17 4.86 -12.94 3.23
CA ASN D 17 5.63 -14.17 2.99
C ASN D 17 5.47 -14.69 1.57
N GLY D 18 6.59 -14.79 0.84
CA GLY D 18 6.60 -15.27 -0.54
C GLY D 18 6.69 -14.18 -1.59
N LYS D 19 6.34 -12.93 -1.23
CA LYS D 19 6.42 -11.79 -2.15
C LYS D 19 7.75 -11.09 -1.97
N SER D 20 8.30 -10.50 -3.05
CA SER D 20 9.60 -9.78 -2.99
C SER D 20 9.46 -8.42 -2.31
N ASN D 21 10.56 -7.99 -1.67
CA ASN D 21 10.65 -6.75 -0.91
C ASN D 21 12.09 -6.26 -0.88
N PHE D 22 12.43 -5.41 0.11
CA PHE D 22 13.74 -4.84 0.39
C PHE D 22 13.90 -4.66 1.90
N LEU D 23 15.04 -5.10 2.48
CA LEU D 23 15.33 -4.97 3.90
C LEU D 23 16.23 -3.76 4.09
N ASN D 24 15.71 -2.72 4.76
CA ASN D 24 16.43 -1.46 4.97
C ASN D 24 17.07 -1.38 6.36
N CYS D 25 18.27 -0.77 6.43
CA CYS D 25 18.97 -0.52 7.70
C CYS D 25 19.44 0.91 7.67
N TYR D 26 18.68 1.75 8.36
CA TYR D 26 18.88 3.18 8.36
C TYR D 26 19.68 3.64 9.59
N VAL D 27 20.98 3.89 9.36
CA VAL D 27 21.89 4.36 10.39
C VAL D 27 21.94 5.89 10.37
N SER D 28 21.66 6.53 11.52
CA SER D 28 21.58 7.99 11.58
C SER D 28 22.07 8.60 12.88
N GLY D 29 22.41 9.88 12.81
CA GLY D 29 22.80 10.70 13.94
C GLY D 29 24.00 10.24 14.74
N PHE D 30 25.13 10.13 14.05
CA PHE D 30 26.37 9.69 14.62
C PHE D 30 27.50 10.61 14.19
N HIS D 31 28.62 10.60 14.97
CA HIS D 31 29.86 11.36 14.69
C HIS D 31 31.05 10.63 15.33
N PRO D 32 32.17 10.40 14.60
CA PRO D 32 32.49 10.81 13.21
C PRO D 32 31.82 9.98 12.11
N SER D 33 32.28 10.16 10.85
CA SER D 33 31.75 9.56 9.62
C SER D 33 32.08 8.06 9.39
N ASP D 34 33.14 7.50 10.01
CA ASP D 34 33.52 6.11 9.75
C ASP D 34 32.55 5.13 10.45
N ILE D 35 31.77 4.37 9.64
CA ILE D 35 30.78 3.39 10.13
C ILE D 35 30.80 2.11 9.26
N GLU D 36 30.91 0.95 9.92
CA GLU D 36 30.85 -0.35 9.25
C GLU D 36 29.42 -0.92 9.45
N VAL D 37 28.71 -1.22 8.34
CA VAL D 37 27.34 -1.73 8.39
C VAL D 37 27.20 -2.99 7.52
N ASP D 38 26.63 -4.06 8.12
CA ASP D 38 26.38 -5.37 7.49
C ASP D 38 24.96 -5.86 7.75
N LEU D 39 24.32 -6.44 6.72
CA LEU D 39 22.98 -7.00 6.83
C LEU D 39 23.11 -8.51 7.04
N LEU D 40 22.29 -9.11 7.93
CA LEU D 40 22.42 -10.55 8.23
C LEU D 40 21.13 -11.37 7.98
N LYS D 41 21.34 -12.67 7.67
CA LYS D 41 20.30 -13.67 7.40
C LYS D 41 20.72 -14.97 8.08
N ASN D 42 19.99 -15.35 9.15
CA ASN D 42 20.20 -16.52 9.99
C ASN D 42 21.68 -16.63 10.45
N GLY D 43 22.19 -15.53 10.98
CA GLY D 43 23.56 -15.40 11.46
C GLY D 43 24.53 -14.95 10.38
N GLU D 44 24.41 -15.56 9.19
CA GLU D 44 25.27 -15.32 8.02
C GLU D 44 25.12 -13.89 7.47
N ARG D 45 26.22 -13.36 6.88
CA ARG D 45 26.30 -12.02 6.28
C ARG D 45 25.82 -12.03 4.83
N ILE D 46 24.99 -11.02 4.47
CA ILE D 46 24.45 -10.85 3.12
C ILE D 46 25.55 -10.21 2.27
N GLU D 47 25.99 -10.92 1.18
CA GLU D 47 27.06 -10.50 0.27
C GLU D 47 26.68 -9.26 -0.52
N LYS D 48 25.57 -9.32 -1.29
CA LYS D 48 25.10 -8.21 -2.09
C LYS D 48 24.27 -7.20 -1.24
N VAL D 49 24.89 -6.07 -0.87
CA VAL D 49 24.23 -5.02 -0.08
C VAL D 49 24.52 -3.66 -0.75
N GLU D 50 23.46 -2.94 -1.15
CA GLU D 50 23.64 -1.60 -1.73
C GLU D 50 23.44 -0.54 -0.66
N HIS D 51 24.06 0.65 -0.81
CA HIS D 51 23.90 1.72 0.17
C HIS D 51 23.71 3.07 -0.48
N SER D 52 23.06 3.99 0.26
CA SER D 52 22.74 5.35 -0.16
C SER D 52 23.93 6.30 -0.10
N ASP D 53 23.73 7.49 -0.69
CA ASP D 53 24.65 8.63 -0.70
C ASP D 53 24.74 9.18 0.73
N LEU D 54 25.95 9.15 1.32
CA LEU D 54 26.13 9.69 2.67
C LEU D 54 25.74 11.18 2.69
N SER D 55 24.96 11.58 3.69
CA SER D 55 24.56 12.97 3.91
C SER D 55 24.69 13.36 5.36
N PHE D 56 24.73 14.68 5.65
CA PHE D 56 24.77 15.13 7.04
C PHE D 56 23.65 16.09 7.30
N SER D 57 23.02 15.94 8.47
CA SER D 57 21.92 16.75 8.94
C SER D 57 22.45 18.15 9.32
N LYS D 58 21.58 19.06 9.79
CA LYS D 58 22.01 20.41 10.19
C LYS D 58 22.84 20.36 11.49
N ASP D 59 22.71 19.24 12.28
CA ASP D 59 23.44 19.01 13.53
C ASP D 59 24.81 18.38 13.25
N TRP D 60 25.20 18.40 11.95
CA TRP D 60 26.45 17.89 11.38
C TRP D 60 26.60 16.36 11.55
N SER D 61 25.53 15.67 12.03
CA SER D 61 25.50 14.23 12.30
C SER D 61 24.96 13.45 11.11
N PHE D 62 25.86 12.70 10.46
CA PHE D 62 25.64 11.90 9.25
C PHE D 62 24.57 10.81 9.38
N TYR D 63 24.02 10.38 8.20
CA TYR D 63 23.02 9.32 8.05
C TYR D 63 23.20 8.61 6.70
N LEU D 64 22.98 7.28 6.69
CA LEU D 64 23.11 6.38 5.54
C LEU D 64 21.96 5.37 5.51
N LEU D 65 21.69 4.81 4.33
CA LEU D 65 20.71 3.75 4.22
C LEU D 65 21.37 2.59 3.49
N TYR D 66 21.23 1.38 4.05
CA TYR D 66 21.74 0.15 3.47
C TYR D 66 20.54 -0.76 3.19
N TYR D 67 20.40 -1.27 1.97
CA TYR D 67 19.23 -2.07 1.60
C TYR D 67 19.57 -3.28 0.73
N THR D 68 18.76 -4.34 0.79
CA THR D 68 18.92 -5.54 -0.02
C THR D 68 17.56 -6.13 -0.36
N GLU D 69 17.36 -6.51 -1.63
CA GLU D 69 16.15 -7.19 -2.10
C GLU D 69 16.07 -8.54 -1.42
N PHE D 70 14.88 -8.92 -0.93
CA PHE D 70 14.68 -10.20 -0.23
C PHE D 70 13.23 -10.64 -0.26
N THR D 71 13.01 -11.95 -0.18
CA THR D 71 11.68 -12.57 -0.16
C THR D 71 11.52 -13.14 1.27
N PRO D 72 10.73 -12.43 2.13
CA PRO D 72 10.59 -12.90 3.53
C PRO D 72 9.97 -14.28 3.64
N THR D 73 10.80 -15.25 4.07
CA THR D 73 10.40 -16.64 4.31
C THR D 73 9.69 -16.68 5.67
N GLU D 74 9.00 -17.78 5.98
CA GLU D 74 8.28 -17.95 7.25
C GLU D 74 9.26 -18.11 8.44
N LYS D 75 10.37 -18.85 8.22
CA LYS D 75 11.36 -19.20 9.24
C LYS D 75 12.60 -18.30 9.25
N ASP D 76 12.85 -17.51 8.18
CA ASP D 76 14.03 -16.64 8.04
C ASP D 76 14.16 -15.57 9.13
N GLU D 77 15.37 -15.46 9.69
CA GLU D 77 15.71 -14.52 10.76
C GLU D 77 16.69 -13.47 10.22
N TYR D 78 16.21 -12.21 10.07
CA TYR D 78 17.00 -11.09 9.54
C TYR D 78 17.36 -10.10 10.64
N ALA D 79 18.58 -9.50 10.52
CA ALA D 79 19.14 -8.56 11.49
C ALA D 79 20.18 -7.60 10.84
N CYS D 80 20.66 -6.59 11.62
CA CYS D 80 21.63 -5.58 11.17
C CYS D 80 22.71 -5.38 12.21
N ARG D 81 23.96 -5.71 11.84
CA ARG D 81 25.16 -5.55 12.67
C ARG D 81 25.81 -4.20 12.33
N VAL D 82 26.10 -3.39 13.35
CA VAL D 82 26.71 -2.07 13.15
C VAL D 82 27.88 -1.84 14.12
N ASN D 83 29.03 -1.36 13.59
CA ASN D 83 30.16 -0.95 14.40
C ASN D 83 30.64 0.45 13.95
N HIS D 84 30.95 1.28 14.96
CA HIS D 84 31.42 2.66 14.93
C HIS D 84 32.62 2.78 15.89
N VAL D 85 33.18 4.00 15.98
CA VAL D 85 34.28 4.39 16.87
C VAL D 85 33.77 4.33 18.33
N THR D 86 32.48 4.71 18.54
CA THR D 86 31.77 4.75 19.83
C THR D 86 31.34 3.34 20.29
N LEU D 87 31.53 2.31 19.46
CA LEU D 87 31.13 0.96 19.81
C LEU D 87 32.36 0.07 19.98
N SER D 88 32.50 -0.51 21.19
CA SER D 88 33.58 -1.45 21.54
C SER D 88 33.31 -2.82 20.92
N GLN D 89 32.01 -3.22 20.96
CA GLN D 89 31.46 -4.45 20.41
C GLN D 89 30.31 -4.07 19.43
N PRO D 90 30.25 -4.65 18.19
CA PRO D 90 29.17 -4.28 17.26
C PRO D 90 27.76 -4.61 17.75
N LYS D 91 26.83 -3.66 17.53
CA LYS D 91 25.43 -3.80 17.91
C LYS D 91 24.66 -4.53 16.81
N ILE D 92 23.95 -5.60 17.18
CA ILE D 92 23.14 -6.35 16.22
C ILE D 92 21.66 -6.07 16.53
N VAL D 93 20.92 -5.59 15.51
CA VAL D 93 19.52 -5.18 15.62
C VAL D 93 18.66 -6.10 14.73
N LYS D 94 17.91 -7.01 15.35
CA LYS D 94 17.02 -7.95 14.69
C LYS D 94 15.82 -7.24 14.01
N TRP D 95 15.39 -7.76 12.84
CA TRP D 95 14.23 -7.20 12.15
C TRP D 95 12.96 -7.71 12.80
N ASP D 96 12.00 -6.80 13.11
CA ASP D 96 10.74 -7.18 13.73
C ASP D 96 9.62 -7.23 12.70
N ARG D 97 8.82 -8.30 12.75
CA ARG D 97 7.70 -8.51 11.84
C ARG D 97 6.38 -8.09 12.48
N ASP D 98 6.39 -7.87 13.81
CA ASP D 98 5.25 -7.42 14.59
C ASP D 98 5.40 -5.94 14.97
#